data_3MSS
#
_entry.id   3MSS
#
_cell.length_a   116.219
_cell.length_b   146.780
_cell.length_c   95.812
_cell.angle_alpha   90.00
_cell.angle_beta   127.07
_cell.angle_gamma   90.00
#
_symmetry.space_group_name_H-M   'C 1 2 1'
#
loop_
_entity.id
_entity.type
_entity.pdbx_description
1 polymer 'Tyrosine-protein kinase ABL1'
2 non-polymer 4-(4-METHYL-PIPERAZIN-1-YLMETHYL)-N-[4-METHYL-3-(4-PYRIDIN-3-YL-PYRIMIDIN-2-YLAMINO)-PHENYL]-BENZAMIDE
3 non-polymer O-benzyl-N-methyl-L-tyrosinamide
4 water water
#
_entity_poly.entity_id   1
_entity_poly.type   'polypeptide(L)'
_entity_poly.pdbx_seq_one_letter_code
;GAMDPSSPNYDKWEMERTDITMKHKLGGGQYGEVYEGVWKKYSLTVAVKTLKEDTMEVEEFLKEAAVMKEIKHPNLVQLL
GVCTREPPFYIITEFMTYGNLLDYLRECNRQEVSAVVLLYMATQISSAMEYLEKKNFIHRDLAARNCLVGENHLVKVADF
GLSRLMTGDTYTAHAGAKFPIKWTAPESLAYNKFSIKSDVWAFGVLLWEIATYGMSPYPGIDLSQVYELLEKDYRMERPE
GCPEKVYELMRACWQWNPSDRPSFAEIHQAFETMFQESSISDEVEKELGKRGT
;
_entity_poly.pdbx_strand_id   A,B,C,D
#
# COMPACT_ATOMS: atom_id res chain seq x y z
N MET A 3 -31.68 19.87 -41.43
CA MET A 3 -32.28 20.94 -42.27
C MET A 3 -33.15 20.44 -43.45
N ASP A 4 -33.68 21.40 -44.22
CA ASP A 4 -34.72 21.15 -45.28
C ASP A 4 -34.21 21.47 -46.72
N PRO A 5 -34.39 20.50 -47.63
CA PRO A 5 -33.70 20.58 -48.90
C PRO A 5 -34.42 21.60 -49.75
N SER A 6 -35.71 21.82 -49.47
CA SER A 6 -36.51 22.85 -50.18
C SER A 6 -35.89 24.25 -50.04
N TYR A 10 -28.08 23.85 -48.05
CA TYR A 10 -28.44 22.55 -47.48
C TYR A 10 -27.17 21.75 -47.25
N ASP A 11 -27.04 21.16 -46.08
CA ASP A 11 -25.88 20.28 -45.84
C ASP A 11 -26.44 19.08 -45.16
N LYS A 12 -26.38 17.92 -45.84
CA LYS A 12 -27.02 16.71 -45.32
C LYS A 12 -26.39 16.28 -43.97
N TRP A 13 -25.24 16.86 -43.63
CA TRP A 13 -24.52 16.34 -42.42
C TRP A 13 -25.04 17.06 -41.17
N GLU A 14 -25.70 18.23 -41.36
CA GLU A 14 -26.04 19.14 -40.28
C GLU A 14 -27.16 18.48 -39.53
N MET A 15 -27.04 18.38 -38.21
CA MET A 15 -28.10 17.74 -37.45
C MET A 15 -28.63 18.54 -36.28
N GLU A 16 -29.68 18.00 -35.68
CA GLU A 16 -30.36 18.64 -34.58
C GLU A 16 -29.54 18.48 -33.31
N ARG A 17 -28.91 19.55 -32.85
CA ARG A 17 -28.21 19.51 -31.57
C ARG A 17 -28.97 18.74 -30.46
N THR A 18 -30.29 18.94 -30.33
CA THR A 18 -31.12 18.28 -29.29
C THR A 18 -31.41 16.78 -29.46
N ASP A 19 -31.15 16.23 -30.66
CA ASP A 19 -31.18 14.78 -30.88
C ASP A 19 -30.14 14.08 -29.98
N ILE A 20 -29.15 14.80 -29.45
CA ILE A 20 -28.09 14.14 -28.66
C ILE A 20 -28.04 14.49 -27.18
N THR A 21 -28.10 13.48 -26.30
CA THR A 21 -27.90 13.65 -24.85
C THR A 21 -26.39 13.58 -24.59
N MET A 22 -25.78 14.72 -24.22
CA MET A 22 -24.36 14.77 -23.90
C MET A 22 -24.17 14.14 -22.53
N LYS A 23 -23.16 13.29 -22.39
CA LYS A 23 -22.82 12.71 -21.10
C LYS A 23 -21.39 13.14 -20.78
N HIS A 24 -20.56 12.26 -20.23
CA HIS A 24 -19.29 12.68 -19.64
C HIS A 24 -18.19 12.73 -20.69
N LYS A 25 -17.15 13.52 -20.39
CA LYS A 25 -15.99 13.70 -21.23
C LYS A 25 -15.40 12.32 -21.43
N LEU A 26 -15.05 11.99 -22.66
CA LEU A 26 -14.54 10.65 -23.00
C LEU A 26 -13.15 10.38 -22.48
N GLY A 27 -12.86 9.11 -22.15
CA GLY A 27 -11.55 8.65 -21.66
C GLY A 27 -10.94 9.56 -20.61
N GLY A 28 -11.73 9.91 -19.59
CA GLY A 28 -11.26 10.79 -18.51
C GLY A 28 -10.51 12.06 -18.95
N GLY A 29 -10.92 12.64 -20.08
CA GLY A 29 -10.35 13.93 -20.52
C GLY A 29 -9.10 13.87 -21.41
N GLN A 30 -8.64 12.66 -21.75
CA GLN A 30 -7.46 12.44 -22.63
C GLN A 30 -7.63 12.87 -24.11
N TYR A 31 -8.86 13.21 -24.53
CA TYR A 31 -9.08 13.57 -25.94
C TYR A 31 -9.44 15.04 -26.06
N GLY A 32 -9.40 15.72 -24.91
CA GLY A 32 -9.86 17.09 -24.84
C GLY A 32 -11.38 17.14 -24.77
N GLU A 33 -11.96 18.12 -25.46
CA GLU A 33 -13.40 18.36 -25.43
C GLU A 33 -14.13 17.31 -26.28
N VAL A 34 -14.07 16.04 -25.89
CA VAL A 34 -14.80 15.01 -26.62
C VAL A 34 -15.62 14.31 -25.60
N TYR A 35 -16.92 14.18 -25.87
CA TYR A 35 -17.94 13.66 -24.92
C TYR A 35 -18.57 12.41 -25.44
N GLU A 36 -18.86 11.48 -24.54
CA GLU A 36 -19.81 10.41 -24.78
C GLU A 36 -21.20 11.04 -24.95
N GLY A 37 -21.96 10.56 -25.93
CA GLY A 37 -23.32 11.02 -26.11
C GLY A 37 -24.25 9.91 -26.56
N VAL A 38 -25.57 10.16 -26.44
CA VAL A 38 -26.54 9.23 -26.98
C VAL A 38 -27.36 9.92 -28.04
N TRP A 39 -27.30 9.38 -29.24
CA TRP A 39 -28.13 9.86 -30.28
C TRP A 39 -29.50 9.16 -30.08
N LYS A 40 -30.42 9.88 -29.41
CA LYS A 40 -31.61 9.26 -28.78
C LYS A 40 -32.49 8.51 -29.78
N LYS A 41 -32.66 9.10 -30.94
CA LYS A 41 -33.48 8.58 -32.05
C LYS A 41 -33.09 7.15 -32.50
N TYR A 42 -31.80 6.84 -32.40
CA TYR A 42 -31.30 5.53 -32.80
C TYR A 42 -30.79 4.71 -31.63
N SER A 43 -30.99 5.21 -30.40
CA SER A 43 -30.52 4.51 -29.21
C SER A 43 -28.99 4.24 -29.23
N LEU A 44 -28.22 5.20 -29.74
CA LEU A 44 -26.85 4.88 -30.08
C LEU A 44 -25.83 5.78 -29.37
N THR A 45 -24.85 5.16 -28.71
CA THR A 45 -23.78 5.88 -28.07
C THR A 45 -22.85 6.42 -29.17
N VAL A 46 -22.44 7.69 -29.08
CA VAL A 46 -21.60 8.33 -30.10
C VAL A 46 -20.53 9.10 -29.38
N ALA A 47 -19.53 9.51 -30.14
CA ALA A 47 -18.51 10.40 -29.63
C ALA A 47 -18.77 11.76 -30.25
N VAL A 48 -18.67 12.80 -29.42
CA VAL A 48 -18.96 14.15 -29.87
C VAL A 48 -17.85 15.12 -29.50
N LYS A 49 -17.23 15.67 -30.53
CA LYS A 49 -16.18 16.65 -30.30
C LYS A 49 -16.78 18.04 -30.38
N THR A 50 -16.45 18.87 -29.40
CA THR A 50 -17.05 20.19 -29.31
C THR A 50 -15.99 21.29 -29.18
N LEU A 51 -16.39 22.53 -29.42
CA LEU A 51 -15.40 23.61 -29.35
C LEU A 51 -15.61 24.46 -28.11
N VAL A 58 -11.60 27.68 -34.71
CA VAL A 58 -12.88 27.55 -35.40
C VAL A 58 -12.58 27.09 -36.82
N GLU A 59 -11.79 27.87 -37.54
CA GLU A 59 -11.37 27.50 -38.89
C GLU A 59 -10.75 26.08 -38.93
N GLU A 60 -9.86 25.76 -37.99
CA GLU A 60 -9.31 24.40 -37.87
C GLU A 60 -10.41 23.35 -37.64
N PHE A 61 -11.35 23.69 -36.77
CA PHE A 61 -12.47 22.83 -36.43
C PHE A 61 -13.41 22.62 -37.62
N LEU A 62 -13.79 23.72 -38.30
CA LEU A 62 -14.60 23.64 -39.54
C LEU A 62 -13.82 22.93 -40.66
N LYS A 63 -12.51 23.12 -40.73
CA LYS A 63 -11.75 22.40 -41.78
C LYS A 63 -11.75 20.89 -41.51
N GLU A 64 -11.66 20.50 -40.24
CA GLU A 64 -11.66 19.05 -39.93
C GLU A 64 -13.01 18.41 -40.35
N ALA A 65 -14.10 19.06 -39.98
CA ALA A 65 -15.45 18.61 -40.40
C ALA A 65 -15.56 18.43 -41.89
N ALA A 66 -15.08 19.43 -42.66
CA ALA A 66 -15.09 19.31 -44.13
C ALA A 66 -14.30 18.13 -44.67
N VAL A 67 -13.07 17.94 -44.16
CA VAL A 67 -12.29 16.75 -44.53
C VAL A 67 -13.08 15.45 -44.25
N MET A 68 -13.73 15.36 -43.09
CA MET A 68 -14.35 14.09 -42.69
C MET A 68 -15.55 13.77 -43.57
N LYS A 69 -16.14 14.82 -44.14
CA LYS A 69 -17.26 14.63 -45.05
C LYS A 69 -16.79 14.05 -46.38
N GLU A 70 -15.51 14.23 -46.71
CA GLU A 70 -14.93 13.62 -47.91
C GLU A 70 -14.42 12.20 -47.76
N ILE A 71 -14.42 11.64 -46.57
CA ILE A 71 -13.84 10.28 -46.41
C ILE A 71 -14.79 9.24 -45.86
N LYS A 72 -14.75 8.06 -46.46
CA LYS A 72 -15.64 7.00 -46.03
C LYS A 72 -14.91 5.71 -46.30
N HIS A 73 -14.72 4.90 -45.27
CA HIS A 73 -13.98 3.63 -45.43
C HIS A 73 -14.28 2.82 -44.20
N PRO A 74 -14.40 1.49 -44.32
CA PRO A 74 -14.82 0.73 -43.14
C PRO A 74 -13.78 0.77 -41.99
N ASN A 75 -12.55 1.17 -42.30
CA ASN A 75 -11.48 1.30 -41.23
C ASN A 75 -11.02 2.71 -40.98
N LEU A 76 -11.87 3.70 -41.33
CA LEU A 76 -11.67 5.06 -40.86
C LEU A 76 -12.86 5.38 -40.02
N VAL A 77 -12.61 6.11 -38.94
CA VAL A 77 -13.69 6.39 -38.05
C VAL A 77 -14.80 7.21 -38.80
N GLN A 78 -16.04 6.83 -38.58
CA GLN A 78 -17.15 7.37 -39.42
C GLN A 78 -17.80 8.65 -38.83
N LEU A 79 -17.78 9.72 -39.61
CA LEU A 79 -18.51 10.91 -39.30
C LEU A 79 -19.99 10.53 -39.36
N LEU A 80 -20.77 10.87 -38.31
CA LEU A 80 -22.24 10.72 -38.33
C LEU A 80 -23.02 12.00 -38.60
N GLY A 81 -22.47 13.13 -38.15
CA GLY A 81 -23.17 14.42 -38.36
C GLY A 81 -22.34 15.50 -37.72
N VAL A 82 -22.74 16.75 -37.98
CA VAL A 82 -22.08 17.94 -37.46
C VAL A 82 -23.16 18.87 -36.93
N CYS A 83 -22.77 19.79 -36.06
CA CYS A 83 -23.57 20.94 -35.64
C CYS A 83 -22.68 22.20 -35.84
N THR A 84 -22.72 22.77 -37.03
CA THR A 84 -21.81 23.89 -37.32
C THR A 84 -22.55 25.12 -37.88
N ARG A 85 -23.85 25.21 -37.57
CA ARG A 85 -24.61 26.41 -37.87
C ARG A 85 -24.27 27.48 -36.83
N GLU A 86 -24.52 27.15 -35.55
CA GLU A 86 -24.26 28.04 -34.44
C GLU A 86 -23.41 27.29 -33.42
N PRO A 87 -22.72 28.01 -32.50
CA PRO A 87 -22.00 27.38 -31.39
C PRO A 87 -22.96 26.86 -30.31
N PRO A 88 -22.53 25.89 -29.47
CA PRO A 88 -21.22 25.25 -29.55
C PRO A 88 -21.18 24.24 -30.71
N PHE A 89 -20.18 24.36 -31.58
CA PHE A 89 -20.04 23.43 -32.73
C PHE A 89 -19.76 21.97 -32.30
N TYR A 90 -20.42 20.99 -32.95
CA TYR A 90 -20.17 19.53 -32.71
C TYR A 90 -19.67 18.83 -33.97
N ILE A 91 -18.77 17.87 -33.80
CA ILE A 91 -18.50 16.85 -34.79
C ILE A 91 -18.83 15.50 -34.12
N ILE A 92 -19.70 14.72 -34.75
CA ILE A 92 -20.22 13.52 -34.12
C ILE A 92 -19.72 12.30 -34.94
N THR A 93 -19.13 11.30 -34.25
CA THR A 93 -18.72 10.08 -34.92
C THR A 93 -19.26 8.89 -34.16
N GLU A 94 -19.19 7.71 -34.75
CA GLU A 94 -19.43 6.46 -34.01
C GLU A 94 -18.55 6.39 -32.74
N PHE A 95 -18.98 5.56 -31.83
CA PHE A 95 -18.24 5.24 -30.62
C PHE A 95 -17.72 3.83 -30.78
N MET A 96 -16.45 3.61 -30.43
CA MET A 96 -15.83 2.31 -30.66
C MET A 96 -15.62 1.73 -29.28
N THR A 97 -16.27 0.60 -29.05
CA THR A 97 -16.40 0.00 -27.72
C THR A 97 -15.16 -0.18 -26.90
N TYR A 98 -14.06 -0.60 -27.53
CA TYR A 98 -12.87 -0.93 -26.74
C TYR A 98 -11.82 0.17 -26.67
N GLY A 99 -12.12 1.36 -27.20
CA GLY A 99 -11.22 2.48 -26.94
C GLY A 99 -9.97 2.51 -27.84
N ASN A 100 -8.95 3.28 -27.44
CA ASN A 100 -7.80 3.43 -28.34
C ASN A 100 -6.96 2.12 -28.35
N LEU A 101 -6.35 1.87 -29.50
CA LEU A 101 -5.58 0.69 -29.79
C LEU A 101 -4.36 0.54 -28.89
N LEU A 102 -3.72 1.67 -28.54
CA LEU A 102 -2.52 1.54 -27.72
C LEU A 102 -2.83 0.90 -26.34
N ASP A 103 -3.83 1.45 -25.67
CA ASP A 103 -4.28 0.90 -24.42
C ASP A 103 -4.86 -0.48 -24.53
N TYR A 104 -5.61 -0.71 -25.61
CA TYR A 104 -6.17 -2.02 -25.86
C TYR A 104 -5.05 -3.12 -25.91
N LEU A 105 -3.99 -2.84 -26.69
CA LEU A 105 -2.89 -3.81 -26.79
C LEU A 105 -2.21 -4.04 -25.48
N ARG A 106 -1.95 -2.97 -24.75
CA ARG A 106 -1.38 -3.13 -23.37
C ARG A 106 -2.23 -3.93 -22.42
N GLU A 107 -3.54 -3.80 -22.52
CA GLU A 107 -4.47 -4.42 -21.55
C GLU A 107 -5.14 -5.69 -22.01
N CYS A 108 -4.86 -6.16 -23.22
CA CYS A 108 -5.64 -7.29 -23.77
C CYS A 108 -5.25 -8.64 -23.20
N ASN A 109 -6.14 -9.61 -23.44
CA ASN A 109 -5.90 -11.01 -23.20
C ASN A 109 -5.00 -11.46 -24.35
N ARG A 110 -3.74 -11.80 -24.09
CA ARG A 110 -2.82 -12.13 -25.15
C ARG A 110 -3.05 -13.51 -25.77
N GLN A 111 -3.78 -14.41 -25.10
CA GLN A 111 -4.23 -15.63 -25.71
C GLN A 111 -5.32 -15.37 -26.75
N GLU A 112 -6.23 -14.42 -26.48
CA GLU A 112 -7.25 -14.01 -27.43
C GLU A 112 -6.62 -13.19 -28.59
N VAL A 113 -5.73 -12.24 -28.25
CA VAL A 113 -5.15 -11.30 -29.24
C VAL A 113 -3.84 -11.90 -29.63
N SER A 114 -3.94 -12.94 -30.46
CA SER A 114 -2.83 -13.78 -30.87
C SER A 114 -2.14 -13.15 -32.09
N ALA A 115 -1.09 -13.82 -32.58
CA ALA A 115 -0.39 -13.33 -33.78
C ALA A 115 -1.32 -13.04 -34.99
N VAL A 116 -2.27 -13.93 -35.27
CA VAL A 116 -3.21 -13.68 -36.38
C VAL A 116 -4.13 -12.47 -36.16
N VAL A 117 -4.52 -12.22 -34.90
CA VAL A 117 -5.34 -11.01 -34.60
C VAL A 117 -4.45 -9.77 -34.81
N LEU A 118 -3.19 -9.83 -34.41
CA LEU A 118 -2.29 -8.67 -34.66
C LEU A 118 -2.17 -8.45 -36.16
N LEU A 119 -2.00 -9.56 -36.91
CA LEU A 119 -2.02 -9.52 -38.40
C LEU A 119 -3.27 -8.83 -38.93
N TYR A 120 -4.45 -9.24 -38.44
CA TYR A 120 -5.69 -8.57 -38.80
C TYR A 120 -5.75 -7.08 -38.49
N MET A 121 -5.27 -6.66 -37.31
CA MET A 121 -5.28 -5.24 -37.00
C MET A 121 -4.44 -4.47 -37.98
N ALA A 122 -3.21 -4.99 -38.27
CA ALA A 122 -2.30 -4.33 -39.25
C ALA A 122 -2.89 -4.27 -40.67
N THR A 123 -3.53 -5.33 -41.10
CA THR A 123 -4.18 -5.34 -42.42
C THR A 123 -5.26 -4.26 -42.49
N GLN A 124 -6.09 -4.17 -41.45
CA GLN A 124 -7.17 -3.16 -41.47
C GLN A 124 -6.61 -1.77 -41.54
N ILE A 125 -5.57 -1.51 -40.75
CA ILE A 125 -5.01 -0.15 -40.78
C ILE A 125 -4.36 0.17 -42.13
N SER A 126 -3.61 -0.79 -42.69
CA SER A 126 -3.02 -0.54 -44.02
C SER A 126 -4.14 -0.29 -45.10
N SER A 127 -5.31 -0.90 -44.91
CA SER A 127 -6.45 -0.70 -45.81
C SER A 127 -6.95 0.77 -45.75
N ALA A 128 -7.06 1.31 -44.53
CA ALA A 128 -7.48 2.67 -44.37
C ALA A 128 -6.44 3.57 -45.03
N MET A 129 -5.16 3.29 -44.75
CA MET A 129 -4.09 4.06 -45.34
C MET A 129 -3.97 3.98 -46.88
N GLU A 130 -4.18 2.79 -47.44
CA GLU A 130 -4.27 2.68 -48.91
C GLU A 130 -5.40 3.59 -49.43
N TYR A 131 -6.54 3.60 -48.77
CA TYR A 131 -7.61 4.58 -49.14
C TYR A 131 -7.24 6.05 -49.03
N LEU A 132 -6.67 6.47 -47.88
CA LEU A 132 -6.20 7.86 -47.78
C LEU A 132 -5.22 8.17 -48.90
N GLU A 133 -4.33 7.23 -49.17
CA GLU A 133 -3.32 7.43 -50.23
C GLU A 133 -3.96 7.67 -51.63
N LYS A 134 -4.93 6.81 -51.99
CA LYS A 134 -5.67 6.89 -53.25
C LYS A 134 -6.37 8.24 -53.31
N LYS A 135 -6.89 8.69 -52.17
CA LYS A 135 -7.59 9.99 -52.18
C LYS A 135 -6.66 11.22 -52.08
N ASN A 136 -5.34 10.99 -52.03
CA ASN A 136 -4.35 12.08 -51.93
C ASN A 136 -4.41 12.85 -50.61
N PHE A 137 -4.84 12.18 -49.50
CA PHE A 137 -4.81 12.76 -48.18
C PHE A 137 -3.51 12.28 -47.49
N ILE A 138 -3.10 13.01 -46.47
CA ILE A 138 -1.88 12.66 -45.67
C ILE A 138 -2.45 12.57 -44.26
N HIS A 139 -2.11 11.55 -43.48
CA HIS A 139 -2.61 11.52 -42.11
C HIS A 139 -1.86 12.54 -41.25
N ARG A 140 -0.52 12.42 -41.23
CA ARG A 140 0.45 13.26 -40.51
C ARG A 140 0.65 12.83 -39.06
N ASP A 141 -0.21 11.98 -38.51
CA ASP A 141 0.02 11.56 -37.12
C ASP A 141 -0.40 10.12 -36.83
N LEU A 142 0.06 9.20 -37.65
CA LEU A 142 -0.44 7.80 -37.56
C LEU A 142 0.32 7.10 -36.43
N ALA A 143 -0.41 6.44 -35.55
CA ALA A 143 0.17 5.81 -34.36
C ALA A 143 -0.97 5.06 -33.68
N ALA A 144 -0.62 4.11 -32.83
CA ALA A 144 -1.63 3.30 -32.15
C ALA A 144 -2.55 4.13 -31.29
N ARG A 145 -2.04 5.20 -30.64
CA ARG A 145 -2.89 6.14 -29.85
C ARG A 145 -3.98 6.84 -30.68
N ASN A 146 -3.84 6.85 -32.02
CA ASN A 146 -4.87 7.47 -32.92
C ASN A 146 -5.70 6.41 -33.64
N CYS A 147 -5.66 5.15 -33.17
CA CYS A 147 -6.53 4.07 -33.71
C CYS A 147 -7.52 3.61 -32.66
N LEU A 148 -8.71 3.15 -33.10
CA LEU A 148 -9.74 2.68 -32.17
C LEU A 148 -10.09 1.21 -32.43
N VAL A 149 -10.55 0.55 -31.39
CA VAL A 149 -10.87 -0.88 -31.48
C VAL A 149 -12.35 -1.07 -31.15
N GLY A 150 -13.05 -1.80 -32.01
CA GLY A 150 -14.44 -2.10 -31.75
C GLY A 150 -14.62 -3.57 -31.52
N GLU A 151 -15.88 -3.99 -31.57
CA GLU A 151 -16.12 -5.45 -31.54
C GLU A 151 -15.38 -6.32 -32.56
N ASN A 152 -15.10 -7.57 -32.17
CA ASN A 152 -14.56 -8.54 -33.12
C ASN A 152 -13.25 -8.04 -33.71
N HIS A 153 -12.50 -7.28 -32.89
CA HIS A 153 -11.17 -6.74 -33.30
C HIS A 153 -11.22 -5.88 -34.52
N LEU A 154 -12.37 -5.27 -34.72
CA LEU A 154 -12.47 -4.19 -35.70
C LEU A 154 -11.52 -3.02 -35.32
N VAL A 155 -10.76 -2.54 -36.30
CA VAL A 155 -9.86 -1.46 -36.03
C VAL A 155 -10.10 -0.33 -37.00
N LYS A 156 -10.15 0.88 -36.48
CA LYS A 156 -10.27 2.05 -37.35
C LYS A 156 -9.23 3.08 -37.04
N VAL A 157 -8.82 3.76 -38.10
CA VAL A 157 -7.83 4.80 -38.01
C VAL A 157 -8.59 6.13 -37.76
N ALA A 158 -8.02 6.97 -36.90
CA ALA A 158 -8.63 8.23 -36.53
C ALA A 158 -7.53 9.25 -36.44
N ASP A 159 -7.94 10.45 -36.08
CA ASP A 159 -6.98 11.50 -35.80
C ASP A 159 -7.52 12.44 -34.71
N PHE A 160 -6.98 12.27 -33.50
CA PHE A 160 -7.57 12.94 -32.27
C PHE A 160 -7.01 14.33 -31.98
N GLY A 161 -6.04 14.76 -32.81
CA GLY A 161 -5.48 16.12 -32.67
C GLY A 161 -4.75 16.12 -31.33
N LEU A 162 -4.00 15.04 -31.06
CA LEU A 162 -3.35 14.79 -29.76
C LEU A 162 -2.13 15.71 -29.40
N SER A 163 -1.56 16.37 -30.41
CA SER A 163 -0.38 17.28 -30.34
C SER A 163 -0.23 18.05 -29.03
N ARG A 164 -1.29 18.81 -28.74
CA ARG A 164 -1.32 19.74 -27.61
C ARG A 164 -2.24 19.29 -26.45
N LEU A 165 -2.83 18.12 -26.56
CA LEU A 165 -3.45 17.48 -25.41
C LEU A 165 -2.44 16.66 -24.55
N MET A 166 -1.78 15.65 -25.14
CA MET A 166 -0.94 14.68 -24.38
C MET A 166 0.05 15.27 -23.38
N GLY A 168 3.06 14.43 -21.75
CA GLY A 168 4.38 13.76 -21.65
C GLY A 168 5.37 14.07 -22.76
N ASP A 169 6.35 13.20 -22.93
CA ASP A 169 7.34 13.40 -23.99
C ASP A 169 6.91 12.71 -25.32
N THR A 170 5.65 12.27 -25.46
CA THR A 170 5.25 11.65 -26.76
C THR A 170 5.39 12.72 -27.83
N TYR A 171 4.86 13.92 -27.57
CA TYR A 171 5.04 15.01 -28.53
C TYR A 171 6.04 15.97 -27.94
N THR A 172 6.92 16.49 -28.77
CA THR A 172 7.74 17.54 -28.27
C THR A 172 7.80 18.74 -29.26
N ALA A 173 7.95 19.90 -28.65
CA ALA A 173 7.91 21.19 -29.35
C ALA A 173 8.86 21.30 -30.56
N HIS A 174 8.29 21.99 -31.56
CA HIS A 174 8.96 22.48 -32.76
C HIS A 174 8.22 23.70 -33.38
N ALA A 175 8.84 24.87 -33.38
CA ALA A 175 8.20 26.06 -34.03
C ALA A 175 6.67 26.14 -33.89
N GLY A 176 6.17 26.37 -32.70
CA GLY A 176 4.72 26.46 -32.52
C GLY A 176 4.11 25.08 -32.64
N ALA A 177 4.72 24.19 -33.44
CA ALA A 177 4.26 22.80 -33.55
C ALA A 177 4.89 21.78 -32.52
N LYS A 178 4.11 20.77 -32.20
CA LYS A 178 4.64 19.69 -31.41
C LYS A 178 4.58 18.45 -32.31
N PHE A 179 5.66 17.66 -32.35
CA PHE A 179 5.83 16.51 -33.28
C PHE A 179 6.10 15.29 -32.41
N PRO A 180 5.60 14.11 -32.82
CA PRO A 180 5.92 12.90 -32.06
C PRO A 180 7.20 12.35 -32.65
N ILE A 181 8.34 12.77 -32.09
CA ILE A 181 9.63 12.51 -32.77
C ILE A 181 9.88 11.04 -33.14
N LYS A 182 9.46 10.10 -32.30
CA LYS A 182 9.75 8.69 -32.50
C LYS A 182 8.85 8.07 -33.58
N TRP A 183 7.87 8.81 -34.07
CA TRP A 183 7.00 8.38 -35.19
C TRP A 183 7.30 9.21 -36.46
N THR A 184 8.27 10.10 -36.39
CA THR A 184 8.35 11.15 -37.45
C THR A 184 9.50 10.75 -38.44
N ALA A 185 9.20 10.69 -39.75
CA ALA A 185 10.17 10.38 -40.78
C ALA A 185 11.34 11.41 -40.82
N PRO A 186 12.56 10.97 -41.21
CA PRO A 186 13.75 11.82 -41.15
C PRO A 186 13.53 13.11 -41.99
N GLU A 187 12.94 13.00 -43.19
CA GLU A 187 12.71 14.22 -43.97
C GLU A 187 11.70 15.17 -43.34
N SER A 188 10.83 14.67 -42.47
CA SER A 188 9.86 15.53 -41.74
C SER A 188 10.60 16.28 -40.61
N LEU A 189 11.46 15.55 -39.90
CA LEU A 189 12.34 16.10 -38.87
C LEU A 189 13.25 17.16 -39.47
N ALA A 190 13.84 16.89 -40.62
CA ALA A 190 14.88 17.76 -41.09
C ALA A 190 14.37 18.89 -41.97
N TYR A 191 13.25 18.71 -42.66
CA TYR A 191 12.86 19.68 -43.70
C TYR A 191 11.39 20.02 -43.61
N ASN A 192 10.74 19.55 -42.54
CA ASN A 192 9.31 19.74 -42.39
C ASN A 192 8.56 19.25 -43.65
N LYS A 193 9.07 18.23 -44.34
CA LYS A 193 8.31 17.65 -45.49
C LYS A 193 7.47 16.49 -45.01
N PHE A 194 6.15 16.59 -45.19
CA PHE A 194 5.22 15.54 -44.82
C PHE A 194 4.57 15.07 -46.13
N SER A 195 4.34 13.77 -46.26
CA SER A 195 3.73 13.22 -47.50
C SER A 195 3.14 11.90 -47.12
N ILE A 196 2.49 11.23 -48.07
CA ILE A 196 2.05 9.88 -47.80
C ILE A 196 3.26 8.98 -47.44
N LYS A 197 4.46 9.22 -47.98
CA LYS A 197 5.64 8.44 -47.54
C LYS A 197 6.10 8.70 -46.09
N SER A 198 5.82 9.87 -45.53
CA SER A 198 6.12 10.05 -44.14
C SER A 198 5.05 9.29 -43.32
N ASP A 199 3.83 9.17 -43.84
CA ASP A 199 2.82 8.24 -43.16
C ASP A 199 3.29 6.77 -43.21
N VAL A 200 3.87 6.35 -44.34
CA VAL A 200 4.45 5.02 -44.46
C VAL A 200 5.54 4.74 -43.37
N TRP A 201 6.47 5.65 -43.19
CA TRP A 201 7.39 5.60 -42.02
C TRP A 201 6.68 5.39 -40.69
N ALA A 202 5.71 6.25 -40.40
CA ALA A 202 4.94 6.16 -39.14
C ALA A 202 4.22 4.84 -39.03
N PHE A 203 3.74 4.31 -40.16
CA PHE A 203 3.03 3.05 -40.14
C PHE A 203 4.00 1.95 -39.68
N GLY A 204 5.24 2.06 -40.13
CA GLY A 204 6.25 1.06 -39.68
C GLY A 204 6.40 1.09 -38.14
N VAL A 205 6.44 2.28 -37.58
CA VAL A 205 6.50 2.39 -36.09
C VAL A 205 5.22 1.78 -35.49
N LEU A 206 4.04 2.15 -36.05
CA LEU A 206 2.78 1.56 -35.57
C LEU A 206 2.85 0.03 -35.61
N LEU A 207 3.37 -0.57 -36.70
CA LEU A 207 3.52 -2.02 -36.75
C LEU A 207 4.35 -2.52 -35.61
N TRP A 208 5.42 -1.81 -35.31
CA TRP A 208 6.28 -2.22 -34.13
C TRP A 208 5.49 -2.16 -32.80
N GLU A 209 4.64 -1.14 -32.66
CA GLU A 209 3.78 -0.98 -31.46
C GLU A 209 2.87 -2.17 -31.37
N ILE A 210 2.27 -2.55 -32.51
CA ILE A 210 1.34 -3.70 -32.55
C ILE A 210 2.09 -5.00 -32.13
N ALA A 211 3.23 -5.23 -32.78
CA ALA A 211 4.08 -6.42 -32.53
C ALA A 211 4.56 -6.59 -31.11
N THR A 212 4.67 -5.48 -30.37
CA THR A 212 5.16 -5.52 -29.00
C THR A 212 3.99 -5.38 -27.99
N TYR A 213 2.74 -5.51 -28.44
CA TYR A 213 1.59 -5.29 -27.56
C TYR A 213 1.73 -3.84 -26.87
N GLY A 214 2.11 -2.81 -27.62
CA GLY A 214 1.95 -1.44 -27.15
C GLY A 214 3.20 -0.90 -26.43
N MET A 215 4.40 -1.46 -26.68
CA MET A 215 5.58 -0.91 -26.01
C MET A 215 5.91 0.44 -26.63
N SER A 216 6.57 1.32 -25.88
CA SER A 216 7.07 2.62 -26.48
C SER A 216 8.24 2.37 -27.40
N PRO A 217 8.28 3.04 -28.57
CA PRO A 217 9.34 2.84 -29.57
C PRO A 217 10.68 3.44 -29.07
N TYR A 218 11.81 2.99 -29.61
CA TYR A 218 13.18 3.44 -29.19
C TYR A 218 13.28 3.61 -27.69
N PRO A 219 13.04 2.50 -26.94
CA PRO A 219 12.86 2.66 -25.47
C PRO A 219 14.15 3.23 -24.88
N GLY A 220 14.04 4.25 -24.04
CA GLY A 220 15.16 4.87 -23.35
C GLY A 220 16.07 5.76 -24.21
N ILE A 221 15.77 5.82 -25.50
CA ILE A 221 16.66 6.57 -26.40
C ILE A 221 16.29 8.02 -26.28
N ASP A 222 17.26 8.87 -25.97
CA ASP A 222 16.83 10.21 -25.83
C ASP A 222 16.50 10.83 -27.21
N LEU A 223 15.53 11.69 -27.14
CA LEU A 223 14.91 12.25 -28.31
C LEU A 223 15.89 13.00 -29.14
N SER A 224 16.90 13.62 -28.50
CA SER A 224 17.89 14.47 -29.20
C SER A 224 18.81 13.69 -30.08
N GLN A 225 18.79 12.36 -29.97
CA GLN A 225 19.77 11.54 -30.70
C GLN A 225 19.07 10.60 -31.69
N VAL A 226 17.75 10.67 -31.74
CA VAL A 226 16.95 9.87 -32.71
C VAL A 226 17.37 10.13 -34.17
N TYR A 227 17.31 11.37 -34.62
CA TYR A 227 17.69 11.63 -36.00
C TYR A 227 19.09 11.09 -36.34
N GLU A 228 20.07 11.46 -35.50
CA GLU A 228 21.44 11.00 -35.66
C GLU A 228 21.55 9.51 -35.81
N LEU A 229 20.93 8.74 -34.91
CA LEU A 229 20.96 7.28 -35.02
C LEU A 229 20.34 6.82 -36.36
N LEU A 230 19.22 7.45 -36.77
CA LEU A 230 18.53 7.08 -38.03
C LEU A 230 19.47 7.31 -39.19
N GLU A 231 20.18 8.44 -39.10
CA GLU A 231 21.08 8.80 -40.21
C GLU A 231 22.22 7.83 -40.28
N LYS A 232 22.58 7.24 -39.14
CA LYS A 232 23.63 6.20 -39.09
C LYS A 232 23.12 4.81 -39.32
N ASP A 233 21.85 4.70 -39.80
CA ASP A 233 21.22 3.45 -40.20
C ASP A 233 20.82 2.58 -39.01
N TYR A 234 20.68 3.16 -37.82
CA TYR A 234 20.09 2.40 -36.69
C TYR A 234 18.60 2.27 -36.95
N ARG A 235 18.02 1.08 -36.70
CA ARG A 235 16.54 0.91 -36.72
C ARG A 235 16.20 0.01 -35.58
N MET A 236 14.99 0.16 -35.08
CA MET A 236 14.52 -0.75 -34.07
C MET A 236 14.64 -2.23 -34.46
N GLU A 237 14.90 -3.05 -33.44
CA GLU A 237 15.14 -4.48 -33.62
C GLU A 237 13.80 -5.18 -33.84
N ARG A 238 13.87 -6.41 -34.36
CA ARG A 238 12.64 -7.22 -34.53
C ARG A 238 12.05 -7.63 -33.16
N PRO A 239 10.77 -7.33 -32.89
CA PRO A 239 10.13 -7.76 -31.64
C PRO A 239 10.07 -9.31 -31.52
N GLU A 240 10.18 -9.84 -30.28
CA GLU A 240 9.98 -11.30 -30.06
C GLU A 240 8.69 -11.74 -30.72
N GLY A 241 8.79 -12.79 -31.51
CA GLY A 241 7.60 -13.40 -32.10
C GLY A 241 7.11 -12.71 -33.37
N CYS A 242 7.76 -11.61 -33.79
CA CYS A 242 7.29 -10.92 -34.99
C CYS A 242 7.81 -11.71 -36.20
N PRO A 243 6.93 -12.09 -37.10
CA PRO A 243 7.45 -12.93 -38.20
C PRO A 243 8.45 -12.16 -39.05
N GLU A 244 9.48 -12.84 -39.58
CA GLU A 244 10.49 -12.24 -40.45
C GLU A 244 9.91 -11.36 -41.54
N LYS A 245 8.88 -11.84 -42.25
CA LYS A 245 8.22 -11.05 -43.31
C LYS A 245 7.56 -9.76 -42.84
N VAL A 246 7.00 -9.79 -41.62
CA VAL A 246 6.40 -8.58 -41.06
C VAL A 246 7.53 -7.62 -40.68
N TYR A 247 8.64 -8.13 -40.15
CA TYR A 247 9.76 -7.22 -39.84
C TYR A 247 10.37 -6.62 -41.11
N GLU A 248 10.40 -7.41 -42.18
CA GLU A 248 10.96 -6.98 -43.44
C GLU A 248 10.10 -5.82 -43.98
N LEU A 249 8.80 -5.96 -43.86
CA LEU A 249 7.89 -4.84 -44.20
C LEU A 249 8.16 -3.61 -43.33
N MET A 250 8.33 -3.80 -42.02
CA MET A 250 8.65 -2.64 -41.16
C MET A 250 9.89 -1.90 -41.67
N ARG A 251 10.96 -2.66 -41.92
CA ARG A 251 12.23 -2.08 -42.40
C ARG A 251 12.14 -1.34 -43.73
N ALA A 252 11.27 -1.83 -44.61
CA ALA A 252 11.03 -1.20 -45.89
C ALA A 252 10.32 0.16 -45.65
N CYS A 253 9.44 0.22 -44.64
CA CYS A 253 8.73 1.44 -44.31
C CYS A 253 9.75 2.42 -43.72
N TRP A 254 10.83 1.91 -43.13
CA TRP A 254 11.90 2.79 -42.60
C TRP A 254 13.12 3.03 -43.49
N GLN A 255 12.93 2.90 -44.79
CA GLN A 255 13.95 3.38 -45.74
C GLN A 255 14.19 4.88 -45.61
N TRP A 256 15.47 5.23 -45.58
CA TRP A 256 15.91 6.62 -45.41
C TRP A 256 15.33 7.54 -46.48
N ASN A 257 15.45 7.13 -47.76
CA ASN A 257 14.84 7.89 -48.87
C ASN A 257 13.32 7.59 -48.97
N PRO A 258 12.43 8.62 -48.91
CA PRO A 258 10.99 8.34 -48.92
C PRO A 258 10.55 7.64 -50.21
N SER A 259 11.28 7.86 -51.31
CA SER A 259 10.84 7.25 -52.58
C SER A 259 11.15 5.73 -52.62
N ASP A 260 12.03 5.29 -51.71
CA ASP A 260 12.34 3.86 -51.55
C ASP A 260 11.35 3.09 -50.71
N ARG A 261 10.50 3.81 -49.94
CA ARG A 261 9.50 3.13 -49.09
C ARG A 261 8.37 2.59 -49.98
N PRO A 262 7.74 1.47 -49.61
CA PRO A 262 6.62 0.99 -50.42
C PRO A 262 5.38 1.90 -50.33
N SER A 263 4.45 1.77 -51.27
CA SER A 263 3.17 2.45 -51.17
C SER A 263 2.25 1.71 -50.18
N PHE A 264 1.22 2.36 -49.64
CA PHE A 264 0.24 1.62 -48.86
C PHE A 264 -0.51 0.55 -49.65
N ALA A 265 -0.66 0.81 -50.94
CA ALA A 265 -1.22 -0.23 -51.85
C ALA A 265 -0.40 -1.53 -51.78
N GLU A 266 0.92 -1.39 -51.91
CA GLU A 266 1.83 -2.52 -51.74
C GLU A 266 1.83 -3.14 -50.33
N ILE A 267 1.91 -2.29 -49.30
CA ILE A 267 1.87 -2.81 -47.95
C ILE A 267 0.59 -3.64 -47.74
N HIS A 268 -0.55 -3.06 -48.11
CA HIS A 268 -1.84 -3.72 -47.83
C HIS A 268 -1.92 -5.06 -48.58
N GLN A 269 -1.48 -5.01 -49.84
CA GLN A 269 -1.48 -6.23 -50.63
C GLN A 269 -0.58 -7.27 -49.94
N ALA A 270 0.52 -6.83 -49.30
CA ALA A 270 1.46 -7.82 -48.68
C ALA A 270 0.78 -8.42 -47.44
N PHE A 271 0.10 -7.58 -46.66
CA PHE A 271 -0.66 -8.11 -45.51
C PHE A 271 -1.88 -8.92 -45.94
N GLU A 272 -2.62 -8.38 -46.91
CA GLU A 272 -3.82 -9.11 -47.45
C GLU A 272 -3.38 -10.53 -47.81
N THR A 273 -2.33 -10.65 -48.60
CA THR A 273 -1.74 -11.96 -48.90
C THR A 273 -1.44 -12.84 -47.69
N MET A 274 -0.68 -12.34 -46.70
CA MET A 274 -0.38 -13.13 -45.50
C MET A 274 -1.66 -13.47 -44.79
N PHE A 275 -2.58 -12.51 -44.74
CA PHE A 275 -3.80 -12.70 -43.97
C PHE A 275 -4.68 -13.81 -44.62
N GLN A 276 -4.59 -13.91 -45.94
CA GLN A 276 -5.35 -14.92 -46.70
C GLN A 276 -4.61 -16.22 -46.67
N MET B 3 -7.56 29.61 33.61
CA MET B 3 -8.66 30.48 34.16
C MET B 3 -9.93 29.74 34.70
N ASP B 4 -10.72 30.47 35.50
CA ASP B 4 -11.83 29.91 36.28
C ASP B 4 -13.09 29.70 35.40
N PRO B 5 -13.59 28.45 35.26
CA PRO B 5 -14.74 28.20 34.36
C PRO B 5 -15.99 29.16 34.50
N SER B 6 -16.17 29.83 35.66
CA SER B 6 -16.86 31.18 35.73
C SER B 6 -16.04 32.44 35.28
N TYR B 10 -14.23 33.50 30.34
CA TYR B 10 -13.53 32.22 30.34
C TYR B 10 -13.13 31.85 28.90
N ASP B 11 -11.87 31.53 28.72
CA ASP B 11 -11.43 31.07 27.39
C ASP B 11 -10.67 29.77 27.63
N LYS B 12 -11.23 28.68 27.11
CA LYS B 12 -10.62 27.36 27.37
C LYS B 12 -9.17 27.22 26.86
N TRP B 13 -8.74 28.10 25.97
CA TRP B 13 -7.40 28.01 25.35
C TRP B 13 -6.35 28.73 26.20
N GLU B 14 -6.81 29.60 27.13
CA GLU B 14 -5.87 30.34 27.98
C GLU B 14 -5.12 29.39 28.89
N MET B 15 -3.79 29.42 28.88
CA MET B 15 -3.05 28.54 29.77
C MET B 15 -2.03 29.26 30.68
N GLU B 16 -1.51 28.55 31.64
CA GLU B 16 -0.63 29.15 32.61
C GLU B 16 0.76 29.08 32.05
N ARG B 17 1.37 30.24 31.75
CA ARG B 17 2.68 30.30 31.05
C ARG B 17 3.77 29.55 31.81
N THR B 18 3.65 29.62 33.12
CA THR B 18 4.21 28.70 34.09
C THR B 18 4.23 27.21 33.72
N ASP B 19 3.23 26.73 32.98
CA ASP B 19 3.18 25.31 32.56
C ASP B 19 4.24 25.06 31.48
N ILE B 20 4.80 26.13 30.94
CA ILE B 20 5.72 26.00 29.82
C ILE B 20 7.15 26.43 30.15
N THR B 21 8.08 25.50 29.97
CA THR B 21 9.51 25.76 30.05
C THR B 21 10.04 26.20 28.71
N MET B 22 10.41 27.49 28.62
CA MET B 22 10.95 28.04 27.39
C MET B 22 12.40 27.56 27.17
N LYS B 23 12.74 27.27 25.94
CA LYS B 23 14.12 26.91 25.62
C LYS B 23 14.57 27.79 24.46
N HIS B 24 15.44 27.30 23.60
CA HIS B 24 16.08 28.12 22.57
C HIS B 24 15.10 28.51 21.46
N LYS B 25 15.37 29.62 20.74
CA LYS B 25 14.68 29.85 19.48
C LYS B 25 14.74 28.59 18.63
N LEU B 26 13.62 28.31 17.98
CA LEU B 26 13.49 27.18 17.11
C LEU B 26 14.16 27.44 15.76
N GLY B 27 14.71 26.37 15.16
CA GLY B 27 15.19 26.35 13.77
C GLY B 27 16.29 27.40 13.50
N GLY B 28 17.07 27.71 14.53
CA GLY B 28 18.14 28.69 14.45
C GLY B 28 17.72 30.13 14.19
N GLY B 29 16.50 30.50 14.57
CA GLY B 29 16.02 31.86 14.34
C GLY B 29 15.28 32.11 13.06
N GLN B 30 15.14 31.10 12.19
CA GLN B 30 14.44 31.32 10.90
C GLN B 30 12.90 31.53 10.96
N TYR B 31 12.29 31.40 12.14
CA TYR B 31 10.83 31.57 12.22
C TYR B 31 10.53 32.80 13.00
N GLY B 32 11.59 33.48 13.40
CA GLY B 32 11.44 34.63 14.24
C GLY B 32 11.41 34.29 15.73
N GLU B 33 10.49 34.94 16.44
CA GLU B 33 10.29 34.74 17.87
C GLU B 33 9.46 33.47 18.13
N VAL B 34 9.98 32.32 17.72
CA VAL B 34 9.36 31.06 18.05
C VAL B 34 10.34 30.21 18.78
N TYR B 35 9.91 29.62 19.89
CA TYR B 35 10.83 28.90 20.75
C TYR B 35 10.36 27.50 20.92
N GLU B 36 11.32 26.61 21.11
CA GLU B 36 11.01 25.27 21.56
C GLU B 36 10.62 25.43 23.01
N GLY B 37 9.59 24.70 23.41
CA GLY B 37 9.16 24.73 24.78
C GLY B 37 8.87 23.30 25.21
N VAL B 38 8.74 23.10 26.51
CA VAL B 38 8.23 21.85 27.02
C VAL B 38 7.02 22.18 27.83
N TRP B 39 5.90 21.52 27.49
CA TRP B 39 4.68 21.59 28.23
C TRP B 39 4.78 20.57 29.37
N LYS B 40 5.01 21.08 30.58
CA LYS B 40 5.40 20.23 31.72
C LYS B 40 4.36 19.18 32.07
N LYS B 41 3.08 19.57 32.12
CA LYS B 41 1.95 18.63 32.32
C LYS B 41 2.23 17.30 31.62
N TYR B 42 2.67 17.37 30.35
CA TYR B 42 2.81 16.18 29.52
C TYR B 42 4.22 15.79 29.13
N SER B 43 5.23 16.48 29.66
CA SER B 43 6.61 16.38 29.16
C SER B 43 6.60 16.38 27.59
N LEU B 44 5.86 17.34 27.03
CA LEU B 44 5.65 17.41 25.58
C LEU B 44 6.42 18.60 25.00
N THR B 45 7.25 18.34 23.98
CA THR B 45 7.91 19.46 23.29
C THR B 45 6.88 20.21 22.48
N VAL B 46 6.93 21.54 22.51
CA VAL B 46 5.96 22.34 21.79
C VAL B 46 6.72 23.49 21.18
N ALA B 47 6.04 24.26 20.34
CA ALA B 47 6.56 25.44 19.66
C ALA B 47 5.75 26.61 20.22
N VAL B 48 6.46 27.69 20.59
CA VAL B 48 5.80 28.80 21.28
C VAL B 48 6.10 30.06 20.50
N LYS B 49 5.07 30.66 19.92
CA LYS B 49 5.31 31.95 19.27
C LYS B 49 5.06 33.08 20.28
N THR B 50 6.02 34.01 20.38
CA THR B 50 5.92 35.16 21.32
C THR B 50 6.06 36.51 20.63
N LEU B 51 5.85 37.63 21.35
CA LEU B 51 5.77 38.97 20.72
C LEU B 51 6.42 40.06 21.58
N VAL B 58 0.67 43.62 18.15
CA VAL B 58 -0.21 43.06 19.19
C VAL B 58 -1.59 42.64 18.64
N GLU B 59 -2.22 43.53 17.86
CA GLU B 59 -3.54 43.30 17.29
C GLU B 59 -3.50 42.19 16.20
N GLU B 60 -2.42 42.15 15.41
CA GLU B 60 -2.28 41.11 14.43
C GLU B 60 -2.02 39.76 15.12
N PHE B 61 -1.28 39.80 16.22
CA PHE B 61 -0.92 38.62 16.99
C PHE B 61 -2.19 38.03 17.57
N LEU B 62 -3.03 38.91 18.12
CA LEU B 62 -4.31 38.50 18.74
C LEU B 62 -5.31 37.98 17.71
N LYS B 63 -5.32 38.60 16.56
CA LYS B 63 -6.13 38.11 15.47
C LYS B 63 -5.70 36.71 14.99
N GLU B 64 -4.38 36.46 14.95
CA GLU B 64 -3.86 35.13 14.58
C GLU B 64 -4.31 34.08 15.65
N ALA B 65 -4.14 34.41 16.94
CA ALA B 65 -4.69 33.55 17.99
C ALA B 65 -6.20 33.24 17.80
N ALA B 66 -7.01 34.25 17.49
CA ALA B 66 -8.47 34.02 17.32
C ALA B 66 -8.79 33.08 16.13
N VAL B 67 -8.11 33.30 15.03
CA VAL B 67 -8.32 32.47 13.81
C VAL B 67 -7.91 30.98 14.09
N MET B 68 -6.78 30.77 14.80
CA MET B 68 -6.33 29.40 15.11
C MET B 68 -7.30 28.65 16.02
N LYS B 69 -7.98 29.37 16.92
CA LYS B 69 -9.04 28.72 17.73
C LYS B 69 -10.20 28.24 16.85
N GLU B 70 -10.33 28.75 15.63
CA GLU B 70 -11.47 28.36 14.78
C GLU B 70 -11.16 27.18 13.86
N ILE B 71 -9.91 26.83 13.71
CA ILE B 71 -9.59 25.83 12.71
C ILE B 71 -9.01 24.58 13.37
N LYS B 72 -9.46 23.42 12.91
CA LYS B 72 -9.00 22.14 13.43
C LYS B 72 -9.02 21.14 12.29
N HIS B 73 -7.88 20.48 12.01
CA HIS B 73 -7.84 19.50 10.91
C HIS B 73 -6.58 18.67 11.08
N PRO B 74 -6.59 17.36 10.69
CA PRO B 74 -5.41 16.48 10.88
C PRO B 74 -4.13 17.04 10.12
N ASN B 75 -4.33 17.85 9.10
CA ASN B 75 -3.20 18.43 8.28
C ASN B 75 -3.02 19.95 8.43
N LEU B 76 -3.55 20.49 9.54
CA LEU B 76 -3.26 21.89 9.87
C LEU B 76 -2.58 21.93 11.22
N VAL B 77 -1.49 22.67 11.34
CA VAL B 77 -0.76 22.67 12.59
C VAL B 77 -1.73 22.92 13.79
N GLN B 78 -1.63 22.07 14.82
CA GLN B 78 -2.68 22.04 15.92
C GLN B 78 -2.35 23.05 17.01
N LEU B 79 -3.20 24.03 17.19
CA LEU B 79 -3.08 24.93 18.35
C LEU B 79 -3.29 24.13 19.66
N LEU B 80 -2.43 24.35 20.66
CA LEU B 80 -2.63 23.72 21.96
C LEU B 80 -3.10 24.70 23.03
N GLY B 81 -2.82 25.99 22.84
CA GLY B 81 -3.05 26.94 23.95
C GLY B 81 -2.52 28.31 23.57
N VAL B 82 -2.93 29.32 24.35
CA VAL B 82 -2.42 30.67 24.23
C VAL B 82 -2.11 31.23 25.65
N CYS B 83 -1.29 32.27 25.72
CA CYS B 83 -1.16 33.08 26.95
C CYS B 83 -1.26 34.52 26.48
N THR B 84 -2.46 35.05 26.59
CA THR B 84 -2.73 36.39 26.02
C THR B 84 -3.50 37.25 27.05
N ARG B 85 -3.38 36.84 28.33
CA ARG B 85 -3.97 37.55 29.48
C ARG B 85 -3.20 38.83 29.76
N GLU B 86 -1.87 38.70 29.84
CA GLU B 86 -0.92 39.81 30.08
C GLU B 86 0.32 39.55 29.23
N PRO B 87 1.21 40.56 29.06
CA PRO B 87 2.48 40.29 28.35
C PRO B 87 3.48 39.39 29.16
N PRO B 88 4.42 38.70 28.46
CA PRO B 88 4.55 38.59 27.01
C PRO B 88 3.56 37.54 26.44
N PHE B 89 2.92 37.84 25.32
CA PHE B 89 1.91 36.96 24.74
C PHE B 89 2.55 35.67 24.13
N TYR B 90 1.90 34.51 24.31
CA TYR B 90 2.30 33.24 23.66
C TYR B 90 1.18 32.66 22.82
N ILE B 91 1.55 32.07 21.66
CA ILE B 91 0.70 31.09 20.95
C ILE B 91 1.45 29.73 20.91
N ILE B 92 0.83 28.68 21.44
CA ILE B 92 1.53 27.40 21.60
C ILE B 92 0.92 26.35 20.64
N THR B 93 1.73 25.71 19.80
CA THR B 93 1.25 24.61 18.98
C THR B 93 2.12 23.36 19.24
N GLU B 94 1.73 22.22 18.67
CA GLU B 94 2.57 21.01 18.65
C GLU B 94 3.91 21.34 17.91
N PHE B 95 4.93 20.56 18.20
CA PHE B 95 6.23 20.65 17.60
C PHE B 95 6.27 19.47 16.61
N MET B 96 6.68 19.74 15.37
CA MET B 96 6.69 18.67 14.33
C MET B 96 8.10 18.16 14.13
N THR B 97 8.33 16.89 14.39
CA THR B 97 9.68 16.32 14.57
C THR B 97 10.71 16.64 13.47
N TYR B 98 10.31 16.56 12.21
CA TYR B 98 11.27 16.74 11.11
C TYR B 98 11.32 18.18 10.54
N GLY B 99 10.56 19.14 11.14
CA GLY B 99 10.76 20.55 10.71
C GLY B 99 10.09 20.86 9.40
N ASN B 100 10.51 21.97 8.73
CA ASN B 100 9.75 22.44 7.58
C ASN B 100 10.00 21.53 6.35
N LEU B 101 8.96 21.35 5.56
CA LEU B 101 8.94 20.50 4.38
C LEU B 101 10.00 20.84 3.34
N LEU B 102 10.30 22.12 3.20
CA LEU B 102 11.30 22.52 2.19
C LEU B 102 12.65 21.90 2.49
N ASP B 103 13.15 22.15 3.69
CA ASP B 103 14.41 21.59 4.09
C ASP B 103 14.34 20.05 4.14
N TYR B 104 13.22 19.50 4.56
CA TYR B 104 13.06 18.04 4.64
C TYR B 104 13.26 17.39 3.24
N LEU B 105 12.60 17.92 2.19
CA LEU B 105 12.72 17.38 0.83
C LEU B 105 14.17 17.52 0.36
N ARG B 106 14.83 18.62 0.73
CA ARG B 106 16.21 18.86 0.19
C ARG B 106 17.21 17.89 0.84
N GLU B 107 16.97 17.55 2.08
CA GLU B 107 17.87 16.72 2.91
C GLU B 107 17.50 15.24 3.01
N CYS B 108 16.38 14.87 2.42
CA CYS B 108 15.87 13.52 2.69
C CYS B 108 16.63 12.38 1.93
N ASN B 109 16.49 11.15 2.40
CA ASN B 109 16.90 9.95 1.68
C ASN B 109 15.78 9.68 0.59
N ARG B 110 16.07 9.94 -0.67
CA ARG B 110 15.08 9.79 -1.73
C ARG B 110 14.55 8.33 -1.94
N GLN B 111 15.30 7.30 -1.50
CA GLN B 111 14.78 5.92 -1.46
C GLN B 111 13.70 5.74 -0.42
N GLU B 112 13.81 6.39 0.72
CA GLU B 112 12.69 6.44 1.67
C GLU B 112 11.54 7.35 1.21
N VAL B 113 11.88 8.53 0.71
CA VAL B 113 10.86 9.51 0.29
C VAL B 113 10.70 9.34 -1.22
N SER B 114 10.02 8.27 -1.57
CA SER B 114 9.86 7.82 -2.95
C SER B 114 8.65 8.53 -3.53
N ALA B 115 8.36 8.29 -4.82
CA ALA B 115 7.25 8.95 -5.54
C ALA B 115 5.94 8.74 -4.74
N VAL B 116 5.70 7.56 -4.16
CA VAL B 116 4.41 7.40 -3.41
C VAL B 116 4.37 8.27 -2.13
N VAL B 117 5.51 8.44 -1.48
CA VAL B 117 5.54 9.36 -0.34
C VAL B 117 5.24 10.82 -0.80
N LEU B 118 5.85 11.28 -1.87
CA LEU B 118 5.51 12.61 -2.40
C LEU B 118 3.99 12.79 -2.69
N LEU B 119 3.41 11.78 -3.34
CA LEU B 119 1.96 11.74 -3.55
C LEU B 119 1.24 11.92 -2.18
N TYR B 120 1.58 11.09 -1.21
CA TYR B 120 0.95 11.14 0.12
C TYR B 120 1.06 12.56 0.71
N MET B 121 2.27 13.19 0.65
CA MET B 121 2.43 14.55 1.14
C MET B 121 1.50 15.53 0.45
N ALA B 122 1.40 15.41 -0.87
CA ALA B 122 0.57 16.33 -1.66
C ALA B 122 -0.90 16.18 -1.33
N THR B 123 -1.32 14.96 -1.16
CA THR B 123 -2.70 14.65 -0.79
C THR B 123 -3.02 15.31 0.56
N GLN B 124 -2.14 15.09 1.55
CA GLN B 124 -2.37 15.66 2.90
C GLN B 124 -2.53 17.17 2.81
N ILE B 125 -1.68 17.83 1.99
CA ILE B 125 -1.74 19.27 1.90
C ILE B 125 -3.06 19.72 1.27
N SER B 126 -3.52 19.03 0.24
CA SER B 126 -4.71 19.42 -0.45
C SER B 126 -5.92 19.14 0.47
N SER B 127 -5.84 18.12 1.34
CA SER B 127 -6.90 17.92 2.38
C SER B 127 -7.04 19.12 3.31
N ALA B 128 -5.92 19.67 3.80
CA ALA B 128 -5.91 20.86 4.65
C ALA B 128 -6.50 22.06 3.91
N MET B 129 -6.19 22.14 2.62
CA MET B 129 -6.68 23.27 1.84
C MET B 129 -8.16 23.12 1.50
N GLU B 130 -8.58 21.91 1.26
CA GLU B 130 -10.00 21.63 1.02
C GLU B 130 -10.81 22.10 2.28
N TYR B 131 -10.28 21.81 3.44
CA TYR B 131 -10.88 22.30 4.71
C TYR B 131 -10.89 23.86 4.82
N LEU B 132 -9.74 24.54 4.62
CA LEU B 132 -9.79 26.02 4.60
C LEU B 132 -10.78 26.57 3.61
N GLU B 133 -10.86 25.97 2.42
CA GLU B 133 -11.79 26.38 1.39
C GLU B 133 -13.23 26.28 1.93
N LYS B 134 -13.57 25.13 2.49
CA LYS B 134 -14.92 24.85 3.02
C LYS B 134 -15.23 25.90 4.09
N LYS B 135 -14.25 26.22 4.93
CA LYS B 135 -14.46 27.18 6.02
C LYS B 135 -14.35 28.66 5.54
N ASN B 136 -14.16 28.87 4.25
CA ASN B 136 -14.08 30.27 3.70
C ASN B 136 -12.89 31.05 4.26
N PHE B 137 -11.76 30.37 4.59
CA PHE B 137 -10.52 31.05 4.87
C PHE B 137 -9.60 31.02 3.62
N ILE B 138 -8.58 31.87 3.64
CA ILE B 138 -7.59 31.93 2.57
C ILE B 138 -6.27 31.81 3.30
N HIS B 139 -5.30 31.13 2.70
CA HIS B 139 -4.04 30.92 3.41
C HIS B 139 -3.21 32.18 3.15
N ARG B 140 -3.06 32.54 1.86
CA ARG B 140 -2.25 33.69 1.34
C ARG B 140 -0.76 33.47 1.10
N ASP B 141 -0.20 32.42 1.70
CA ASP B 141 1.23 32.23 1.54
C ASP B 141 1.55 30.74 1.61
N LEU B 142 0.90 29.97 0.75
CA LEU B 142 1.11 28.52 0.71
C LEU B 142 2.39 28.21 -0.08
N ALA B 143 3.29 27.36 0.49
CA ALA B 143 4.61 27.07 -0.08
C ALA B 143 5.19 26.02 0.83
N ALA B 144 6.20 25.29 0.35
CA ALA B 144 6.73 24.19 1.20
C ALA B 144 7.39 24.73 2.43
N ARG B 145 7.88 25.98 2.40
CA ARG B 145 8.51 26.58 3.60
C ARG B 145 7.48 26.84 4.77
N ASN B 146 6.19 26.76 4.47
CA ASN B 146 5.14 26.95 5.50
C ASN B 146 4.47 25.63 5.77
N CYS B 147 5.07 24.51 5.35
CA CYS B 147 4.60 23.13 5.80
C CYS B 147 5.58 22.49 6.73
N LEU B 148 5.06 21.62 7.59
CA LEU B 148 5.89 20.89 8.57
C LEU B 148 5.73 19.40 8.38
N VAL B 149 6.72 18.63 8.87
CA VAL B 149 6.80 17.20 8.68
C VAL B 149 6.98 16.51 10.03
N GLY B 150 6.10 15.56 10.28
CA GLY B 150 6.17 14.73 11.53
C GLY B 150 6.49 13.31 11.19
N GLU B 151 6.28 12.42 12.18
CA GLU B 151 6.57 11.04 12.02
C GLU B 151 5.75 10.43 10.93
N ASN B 152 6.27 9.37 10.31
CA ASN B 152 5.58 8.61 9.23
C ASN B 152 5.10 9.52 8.08
N HIS B 153 5.92 10.52 7.72
CA HIS B 153 5.56 11.50 6.67
C HIS B 153 4.23 12.19 6.82
N LEU B 154 3.82 12.41 8.06
CA LEU B 154 2.71 13.29 8.34
C LEU B 154 3.12 14.73 7.92
N VAL B 155 2.23 15.40 7.21
CA VAL B 155 2.55 16.73 6.75
C VAL B 155 1.44 17.66 7.24
N LYS B 156 1.84 18.79 7.82
CA LYS B 156 0.84 19.77 8.19
C LYS B 156 1.10 21.11 7.51
N VAL B 157 0.01 21.80 7.16
CA VAL B 157 0.08 23.19 6.61
C VAL B 157 0.11 24.16 7.82
N ALA B 158 0.99 25.16 7.76
CA ALA B 158 1.13 26.15 8.81
C ALA B 158 1.20 27.53 8.11
N ASP B 159 1.31 28.61 8.90
CA ASP B 159 1.58 29.96 8.35
C ASP B 159 2.52 30.66 9.31
N PHE B 160 3.79 30.69 8.97
CA PHE B 160 4.77 31.21 9.94
C PHE B 160 5.01 32.74 9.82
N GLY B 161 4.25 33.41 8.95
CA GLY B 161 4.36 34.87 8.77
C GLY B 161 5.79 35.21 8.33
N LEU B 162 6.29 34.52 7.32
CA LEU B 162 7.69 34.58 6.93
C LEU B 162 7.99 35.89 6.14
N SER B 163 6.93 36.47 5.61
CA SER B 163 6.93 37.80 5.01
C SER B 163 7.77 38.78 5.86
N ARG B 164 7.53 38.76 7.17
CA ARG B 164 8.28 39.59 8.14
C ARG B 164 9.77 39.21 8.39
N LEU B 165 10.13 37.97 8.16
CA LEU B 165 11.43 37.48 8.60
C LEU B 165 12.48 37.39 7.47
N MET B 166 12.14 36.71 6.38
CA MET B 166 13.13 36.21 5.43
C MET B 166 14.04 37.29 4.79
N GLY B 168 15.67 37.07 1.96
CA GLY B 168 16.39 37.08 0.69
C GLY B 168 15.49 37.39 -0.48
N ASP B 169 15.64 36.61 -1.56
CA ASP B 169 14.89 36.85 -2.79
C ASP B 169 13.57 36.08 -2.81
N THR B 170 13.28 35.35 -1.74
CA THR B 170 11.97 34.69 -1.64
C THR B 170 10.81 35.71 -1.62
N TYR B 171 10.90 36.71 -0.72
CA TYR B 171 9.85 37.75 -0.65
C TYR B 171 10.39 39.07 -1.22
N THR B 172 9.63 39.71 -2.08
CA THR B 172 10.09 40.96 -2.70
C THR B 172 9.17 42.10 -2.26
N ALA B 173 9.75 43.22 -1.80
CA ALA B 173 8.89 44.30 -1.30
C ALA B 173 8.42 45.05 -2.53
N HIS B 174 7.15 45.42 -2.54
CA HIS B 174 6.69 46.37 -3.54
C HIS B 174 5.70 47.34 -2.97
N ALA B 175 6.03 48.62 -3.03
CA ALA B 175 5.19 49.67 -2.46
C ALA B 175 4.43 49.33 -1.13
N GLY B 176 5.17 48.97 -0.08
CA GLY B 176 4.58 48.74 1.25
C GLY B 176 4.09 47.33 1.48
N ALA B 177 4.17 46.47 0.46
CA ALA B 177 3.76 45.06 0.64
C ALA B 177 4.91 44.09 0.27
N LYS B 178 4.92 42.87 0.80
CA LYS B 178 5.94 41.91 0.36
C LYS B 178 5.22 40.71 -0.25
N PHE B 179 5.73 40.19 -1.36
CA PHE B 179 5.05 39.07 -2.04
C PHE B 179 6.15 38.08 -2.33
N PRO B 180 5.88 36.77 -2.16
CA PRO B 180 6.74 35.76 -2.76
C PRO B 180 6.37 35.62 -4.23
N ILE B 181 7.01 36.42 -5.13
CA ILE B 181 6.57 36.58 -6.51
C ILE B 181 6.34 35.23 -7.22
N LYS B 182 7.23 34.29 -6.98
CA LYS B 182 7.21 33.08 -7.75
C LYS B 182 6.11 32.12 -7.31
N TRP B 183 5.49 32.42 -6.18
CA TRP B 183 4.31 31.57 -5.73
C TRP B 183 2.98 32.37 -5.89
N THR B 184 3.04 33.60 -6.38
CA THR B 184 1.89 34.51 -6.29
C THR B 184 1.11 34.53 -7.63
N ALA B 185 -0.20 34.28 -7.58
CA ALA B 185 -1.07 34.24 -8.77
C ALA B 185 -1.04 35.66 -9.43
N PRO B 186 -1.16 35.68 -10.74
CA PRO B 186 -1.03 36.88 -11.57
C PRO B 186 -2.00 37.96 -11.09
N GLU B 187 -3.26 37.61 -10.79
CA GLU B 187 -4.22 38.62 -10.33
C GLU B 187 -3.86 39.17 -8.94
N SER B 188 -3.13 38.41 -8.13
CA SER B 188 -2.66 38.89 -6.83
C SER B 188 -1.51 39.85 -7.02
N LEU B 189 -0.62 39.55 -7.96
CA LEU B 189 0.45 40.48 -8.32
C LEU B 189 -0.07 41.78 -8.97
N ALA B 190 -1.06 41.66 -9.87
CA ALA B 190 -1.55 42.81 -10.62
C ALA B 190 -2.51 43.66 -9.80
N TYR B 191 -3.37 43.01 -9.02
CA TYR B 191 -4.56 43.67 -8.40
C TYR B 191 -4.55 43.55 -6.89
N ASN B 192 -3.47 43.01 -6.33
CA ASN B 192 -3.41 42.57 -4.94
C ASN B 192 -4.71 41.86 -4.51
N LYS B 193 -5.40 41.22 -5.47
CA LYS B 193 -6.56 40.35 -5.16
C LYS B 193 -6.07 38.96 -4.65
N PHE B 194 -6.48 38.54 -3.45
CA PHE B 194 -6.15 37.20 -2.94
C PHE B 194 -7.44 36.46 -2.64
N SER B 195 -7.51 35.19 -3.03
CA SER B 195 -8.72 34.40 -2.83
C SER B 195 -8.26 32.95 -2.61
N ILE B 196 -9.23 32.08 -2.44
CA ILE B 196 -8.93 30.63 -2.43
C ILE B 196 -8.32 30.23 -3.81
N LYS B 197 -8.67 30.92 -4.88
CA LYS B 197 -8.09 30.61 -6.20
C LYS B 197 -6.62 31.00 -6.32
N SER B 198 -6.20 32.06 -5.62
CA SER B 198 -4.78 32.44 -5.64
C SER B 198 -4.04 31.45 -4.72
N ASP B 199 -4.71 30.91 -3.70
CA ASP B 199 -4.13 29.71 -2.99
C ASP B 199 -3.96 28.52 -3.89
N VAL B 200 -4.96 28.24 -4.76
CA VAL B 200 -4.77 27.12 -5.67
C VAL B 200 -3.55 27.29 -6.61
N TRP B 201 -3.38 28.48 -7.19
CA TRP B 201 -2.15 28.79 -7.95
C TRP B 201 -0.88 28.44 -7.13
N ALA B 202 -0.82 28.92 -5.88
CA ALA B 202 0.34 28.70 -5.04
C ALA B 202 0.52 27.21 -4.76
N PHE B 203 -0.59 26.48 -4.60
CA PHE B 203 -0.50 25.00 -4.40
C PHE B 203 0.14 24.35 -5.61
N GLY B 204 -0.15 24.86 -6.79
CA GLY B 204 0.50 24.33 -7.99
C GLY B 204 2.06 24.49 -7.93
N VAL B 205 2.52 25.64 -7.46
CA VAL B 205 3.96 25.84 -7.25
C VAL B 205 4.49 24.87 -6.20
N LEU B 206 3.76 24.77 -5.07
CA LEU B 206 4.10 23.83 -4.01
C LEU B 206 4.21 22.40 -4.52
N LEU B 207 3.31 21.92 -5.37
CA LEU B 207 3.38 20.60 -6.00
C LEU B 207 4.65 20.44 -6.83
N TRP B 208 5.01 21.52 -7.53
CA TRP B 208 6.30 21.48 -8.28
C TRP B 208 7.50 21.42 -7.32
N GLU B 209 7.46 22.15 -6.20
CA GLU B 209 8.51 22.02 -5.18
C GLU B 209 8.62 20.57 -4.65
N ILE B 210 7.47 19.96 -4.39
CA ILE B 210 7.45 18.57 -3.93
C ILE B 210 8.09 17.64 -5.01
N ALA B 211 7.61 17.80 -6.24
CA ALA B 211 8.10 16.96 -7.35
C ALA B 211 9.59 17.09 -7.61
N THR B 212 10.18 18.21 -7.24
CA THR B 212 11.62 18.46 -7.45
C THR B 212 12.42 18.29 -6.21
N TYR B 213 11.83 17.77 -5.15
CA TYR B 213 12.52 17.65 -3.86
C TYR B 213 13.10 18.98 -3.42
N GLY B 214 12.33 20.04 -3.65
CA GLY B 214 12.58 21.28 -2.94
C GLY B 214 13.47 22.21 -3.83
N MET B 215 13.43 22.09 -5.15
CA MET B 215 14.11 23.09 -5.96
C MET B 215 13.39 24.41 -5.87
N SER B 216 14.12 25.51 -6.07
CA SER B 216 13.51 26.85 -6.18
C SER B 216 12.77 26.94 -7.47
N PRO B 217 11.55 27.47 -7.42
CA PRO B 217 10.75 27.56 -8.65
C PRO B 217 11.31 28.61 -9.65
N TYR B 218 10.95 28.48 -10.93
CA TYR B 218 11.53 29.30 -12.04
C TYR B 218 13.04 29.48 -11.92
N PRO B 219 13.81 28.35 -11.75
CA PRO B 219 15.21 28.54 -11.38
C PRO B 219 15.92 29.29 -12.47
N GLY B 220 16.59 30.36 -12.05
CA GLY B 220 17.44 31.11 -12.95
C GLY B 220 16.71 32.27 -13.63
N ILE B 221 15.38 32.30 -13.49
CA ILE B 221 14.56 33.36 -14.14
C ILE B 221 14.52 34.60 -13.29
N ASP B 222 14.77 35.78 -13.86
CA ASP B 222 14.74 37.00 -13.01
C ASP B 222 13.33 37.31 -12.51
N LEU B 223 13.23 37.74 -11.24
CA LEU B 223 11.93 38.13 -10.60
C LEU B 223 11.17 39.14 -11.47
N SER B 224 11.90 40.05 -12.10
CA SER B 224 11.28 41.10 -12.98
C SER B 224 10.55 40.49 -14.18
N GLN B 225 10.89 39.22 -14.57
CA GLN B 225 10.30 38.70 -15.81
C GLN B 225 9.11 37.74 -15.56
N VAL B 226 8.92 37.38 -14.31
CA VAL B 226 7.90 36.36 -13.99
C VAL B 226 6.52 36.68 -14.52
N TYR B 227 5.96 37.83 -14.13
CA TYR B 227 4.60 38.14 -14.54
C TYR B 227 4.44 38.12 -16.07
N GLU B 228 5.42 38.73 -16.72
CA GLU B 228 5.42 38.95 -18.16
C GLU B 228 5.45 37.60 -18.88
N LEU B 229 6.30 36.71 -18.38
CA LEU B 229 6.38 35.35 -18.86
C LEU B 229 5.06 34.64 -18.72
N LEU B 230 4.50 34.71 -17.51
CA LEU B 230 3.20 34.11 -17.24
C LEU B 230 2.07 34.65 -18.15
N GLU B 231 2.01 35.97 -18.28
CA GLU B 231 1.05 36.60 -19.21
C GLU B 231 1.25 36.07 -20.65
N LYS B 232 2.49 35.78 -21.05
CA LYS B 232 2.77 35.22 -22.35
C LYS B 232 2.71 33.69 -22.38
N ASP B 233 2.03 33.08 -21.39
CA ASP B 233 1.77 31.65 -21.36
C ASP B 233 2.92 30.77 -21.01
N TYR B 234 4.01 31.36 -20.53
CA TYR B 234 5.08 30.51 -20.03
C TYR B 234 4.62 29.80 -18.80
N ARG B 235 4.94 28.52 -18.68
CA ARG B 235 4.77 27.78 -17.41
C ARG B 235 5.94 26.88 -17.11
N MET B 236 6.26 26.68 -15.83
CA MET B 236 7.30 25.65 -15.52
C MET B 236 7.06 24.29 -16.23
N GLU B 237 8.16 23.70 -16.74
CA GLU B 237 8.03 22.42 -17.48
C GLU B 237 7.90 21.25 -16.49
N ARG B 238 7.51 20.09 -16.98
CA ARG B 238 7.32 18.93 -16.09
C ARG B 238 8.65 18.50 -15.44
N PRO B 239 8.72 18.43 -14.11
CA PRO B 239 9.97 17.94 -13.48
C PRO B 239 10.26 16.47 -13.84
N GLU B 240 11.54 16.15 -13.83
CA GLU B 240 11.98 14.81 -14.13
C GLU B 240 11.29 13.81 -13.19
N GLY B 241 10.70 12.79 -13.79
CA GLY B 241 10.07 11.74 -13.02
C GLY B 241 8.67 12.07 -12.53
N CYS B 242 8.16 13.30 -12.76
CA CYS B 242 6.84 13.68 -12.26
C CYS B 242 5.79 13.01 -13.14
N PRO B 243 4.84 12.31 -12.54
CA PRO B 243 3.87 11.62 -13.39
C PRO B 243 3.08 12.64 -14.21
N GLU B 244 2.64 12.26 -15.40
CA GLU B 244 1.88 13.16 -16.27
C GLU B 244 0.60 13.73 -15.65
N LYS B 245 -0.18 12.91 -14.96
CA LYS B 245 -1.46 13.37 -14.39
C LYS B 245 -1.23 14.36 -13.24
N VAL B 246 -0.11 14.23 -12.54
CA VAL B 246 0.32 15.26 -11.55
C VAL B 246 0.71 16.59 -12.22
N TYR B 247 1.50 16.53 -13.28
CA TYR B 247 1.84 17.76 -13.98
C TYR B 247 0.58 18.37 -14.57
N GLU B 248 -0.34 17.55 -15.09
CA GLU B 248 -1.63 18.11 -15.55
C GLU B 248 -2.38 18.87 -14.49
N LEU B 249 -2.35 18.35 -13.27
CA LEU B 249 -2.97 19.05 -12.14
C LEU B 249 -2.24 20.34 -11.83
N MET B 250 -0.91 20.33 -11.86
CA MET B 250 -0.15 21.59 -11.65
C MET B 250 -0.57 22.65 -12.64
N ARG B 251 -0.66 22.25 -13.92
CA ARG B 251 -0.99 23.16 -15.00
C ARG B 251 -2.42 23.70 -14.86
N ALA B 252 -3.35 22.90 -14.30
CA ALA B 252 -4.70 23.35 -14.09
C ALA B 252 -4.69 24.44 -12.99
N CYS B 253 -3.83 24.25 -11.99
CA CYS B 253 -3.67 25.25 -10.90
C CYS B 253 -3.16 26.58 -11.47
N TRP B 254 -2.39 26.51 -12.55
CA TRP B 254 -1.83 27.73 -13.16
C TRP B 254 -2.57 28.30 -14.34
N GLN B 255 -3.88 28.07 -14.41
CA GLN B 255 -4.71 28.75 -15.38
C GLN B 255 -4.68 30.24 -15.06
N TRP B 256 -4.56 31.02 -16.12
CA TRP B 256 -4.46 32.49 -15.99
C TRP B 256 -5.74 33.02 -15.28
N ASN B 257 -6.89 32.58 -15.71
CA ASN B 257 -8.15 33.05 -15.12
C ASN B 257 -8.43 32.25 -13.84
N PRO B 258 -8.54 32.92 -12.69
CA PRO B 258 -8.72 32.16 -11.42
C PRO B 258 -9.96 31.28 -11.42
N SER B 259 -11.02 31.75 -12.10
CA SER B 259 -12.26 30.97 -12.21
C SER B 259 -12.12 29.63 -12.98
N ASP B 260 -11.14 29.53 -13.86
CA ASP B 260 -10.78 28.26 -14.49
C ASP B 260 -9.96 27.25 -13.65
N ARG B 261 -9.46 27.65 -12.49
CA ARG B 261 -8.63 26.74 -11.71
C ARG B 261 -9.59 25.82 -10.94
N PRO B 262 -9.12 24.60 -10.66
CA PRO B 262 -9.91 23.65 -9.87
C PRO B 262 -10.08 24.17 -8.45
N SER B 263 -11.13 23.73 -7.74
CA SER B 263 -11.24 23.95 -6.30
C SER B 263 -10.33 22.92 -5.59
N PHE B 264 -10.02 23.15 -4.31
CA PHE B 264 -9.27 22.17 -3.56
C PHE B 264 -10.03 20.86 -3.35
N ALA B 265 -11.36 20.94 -3.30
CA ALA B 265 -12.16 19.67 -3.25
C ALA B 265 -11.86 18.82 -4.50
N GLU B 266 -11.85 19.44 -5.66
CA GLU B 266 -11.49 18.69 -6.90
C GLU B 266 -10.03 18.19 -6.94
N ILE B 267 -9.11 19.03 -6.46
CA ILE B 267 -7.70 18.65 -6.48
C ILE B 267 -7.54 17.44 -5.53
N HIS B 268 -8.14 17.55 -4.34
CA HIS B 268 -8.02 16.48 -3.33
C HIS B 268 -8.63 15.15 -3.83
N GLN B 269 -9.79 15.24 -4.47
CA GLN B 269 -10.42 14.06 -5.03
C GLN B 269 -9.49 13.43 -6.03
N ALA B 270 -8.83 14.26 -6.86
CA ALA B 270 -7.92 13.76 -7.88
C ALA B 270 -6.69 13.07 -7.29
N PHE B 271 -6.08 13.64 -6.24
CA PHE B 271 -5.02 12.95 -5.51
C PHE B 271 -5.50 11.72 -4.72
N GLU B 272 -6.63 11.84 -4.02
CA GLU B 272 -7.20 10.68 -3.26
C GLU B 272 -7.39 9.53 -4.21
N THR B 273 -7.85 9.85 -5.39
CA THR B 273 -8.01 8.84 -6.43
C THR B 273 -6.67 8.19 -6.68
N MET B 274 -5.71 8.94 -7.24
CA MET B 274 -4.34 8.44 -7.45
C MET B 274 -3.80 7.70 -6.21
N PHE B 275 -3.93 8.27 -5.00
CA PHE B 275 -3.37 7.68 -3.74
C PHE B 275 -3.94 6.26 -3.46
N GLN B 276 -5.27 6.15 -3.50
CA GLN B 276 -5.99 4.86 -3.42
C GLN B 276 -5.73 3.86 -4.56
N MET C 3 -28.05 -33.45 9.06
CA MET C 3 -28.50 -34.41 10.11
C MET C 3 -28.79 -33.72 11.49
N ASP C 4 -29.28 -34.54 12.44
CA ASP C 4 -29.73 -34.10 13.80
C ASP C 4 -28.74 -34.52 14.94
N PRO C 5 -28.36 -33.55 15.77
CA PRO C 5 -27.30 -33.82 16.72
C PRO C 5 -27.86 -34.73 17.76
N SER C 6 -29.19 -34.70 17.92
CA SER C 6 -29.84 -35.60 18.91
C SER C 6 -29.54 -37.04 18.55
N TYR C 10 -23.20 -38.22 14.07
CA TYR C 10 -23.44 -36.86 13.61
C TYR C 10 -22.17 -36.34 12.95
N ASP C 11 -22.35 -35.82 11.76
CA ASP C 11 -21.22 -35.17 11.06
C ASP C 11 -21.74 -33.86 10.55
N LYS C 12 -21.22 -32.78 11.12
CA LYS C 12 -21.72 -31.44 10.81
C LYS C 12 -21.55 -31.11 9.32
N TRP C 13 -20.77 -31.92 8.62
CA TRP C 13 -20.39 -31.54 7.21
C TRP C 13 -21.43 -32.07 6.22
N GLU C 14 -22.23 -33.05 6.68
CA GLU C 14 -23.16 -33.80 5.84
C GLU C 14 -24.29 -32.90 5.51
N MET C 15 -24.65 -32.81 4.24
CA MET C 15 -25.72 -31.89 3.90
C MET C 15 -26.79 -32.52 3.04
N GLU C 16 -27.81 -31.72 2.78
CA GLU C 16 -28.97 -32.13 2.04
C GLU C 16 -28.61 -32.09 0.55
N ARG C 17 -28.40 -33.25 -0.04
CA ARG C 17 -28.20 -33.34 -1.48
C ARG C 17 -29.12 -32.37 -2.28
N THR C 18 -30.42 -32.34 -1.93
CA THR C 18 -31.43 -31.54 -2.68
C THR C 18 -31.42 -30.01 -2.42
N ASP C 19 -30.60 -29.53 -1.46
CA ASP C 19 -30.29 -28.11 -1.33
C ASP C 19 -29.51 -27.59 -2.56
N ILE C 20 -28.81 -28.48 -3.26
CA ILE C 20 -27.94 -28.03 -4.38
C ILE C 20 -28.53 -28.37 -5.74
N THR C 21 -28.68 -27.35 -6.59
CA THR C 21 -29.11 -27.51 -7.99
C THR C 21 -27.87 -27.77 -8.84
N MET C 22 -27.75 -28.99 -9.41
CA MET C 22 -26.54 -29.36 -10.17
C MET C 22 -26.67 -28.84 -11.59
N LYS C 23 -25.67 -28.07 -12.04
CA LYS C 23 -25.63 -27.57 -13.40
C LYS C 23 -24.54 -28.31 -14.21
N HIS C 24 -23.80 -27.60 -15.08
CA HIS C 24 -22.94 -28.27 -16.06
C HIS C 24 -21.59 -28.61 -15.44
N LYS C 25 -20.88 -29.55 -16.08
CA LYS C 25 -19.52 -29.89 -15.70
C LYS C 25 -18.66 -28.65 -15.79
N LEU C 26 -17.82 -28.46 -14.77
CA LEU C 26 -16.97 -27.29 -14.66
C LEU C 26 -15.80 -27.33 -15.64
N GLY C 27 -15.41 -26.14 -16.09
CA GLY C 27 -14.24 -25.91 -16.97
C GLY C 27 -14.11 -26.84 -18.17
N GLY C 28 -15.23 -27.20 -18.80
CA GLY C 28 -15.21 -28.01 -20.03
C GLY C 28 -14.92 -29.51 -19.84
N GLY C 29 -14.97 -29.97 -18.58
CA GLY C 29 -14.54 -31.35 -18.30
C GLY C 29 -13.10 -31.55 -17.86
N GLN C 30 -12.31 -30.47 -17.81
CA GLN C 30 -10.90 -30.55 -17.39
C GLN C 30 -10.66 -30.91 -15.92
N TYR C 31 -11.73 -30.99 -15.10
CA TYR C 31 -11.54 -31.30 -13.68
C TYR C 31 -12.09 -32.66 -13.36
N GLY C 32 -12.61 -33.31 -14.39
CA GLY C 32 -13.27 -34.59 -14.24
C GLY C 32 -14.72 -34.42 -13.82
N GLU C 33 -15.16 -35.27 -12.91
CA GLU C 33 -16.52 -35.15 -12.45
C GLU C 33 -16.70 -34.04 -11.39
N VAL C 34 -16.57 -32.78 -11.83
CA VAL C 34 -16.79 -31.62 -11.00
C VAL C 34 -17.76 -30.71 -11.73
N TYR C 35 -18.83 -30.35 -11.03
CA TYR C 35 -20.00 -29.67 -11.61
C TYR C 35 -20.15 -28.31 -10.96
N GLU C 36 -20.55 -27.32 -11.74
CA GLU C 36 -21.06 -26.09 -11.16
C GLU C 36 -22.41 -26.41 -10.49
N GLY C 37 -22.64 -25.88 -9.29
CA GLY C 37 -23.94 -26.02 -8.62
C GLY C 37 -24.44 -24.74 -7.99
N VAL C 38 -25.73 -24.72 -7.62
CA VAL C 38 -26.24 -23.61 -6.85
C VAL C 38 -26.79 -24.10 -5.52
N TRP C 39 -26.22 -23.58 -4.45
CA TRP C 39 -26.70 -23.91 -3.16
C TRP C 39 -27.86 -22.91 -2.87
N LYS C 40 -29.10 -23.35 -3.16
CA LYS C 40 -30.26 -22.44 -3.36
C LYS C 40 -30.49 -21.52 -2.16
N LYS C 41 -30.36 -22.10 -0.97
CA LYS C 41 -30.51 -21.47 0.36
C LYS C 41 -29.66 -20.21 0.60
N TYR C 42 -28.47 -20.19 0.00
CA TYR C 42 -27.59 -19.02 0.11
C TYR C 42 -27.46 -18.37 -1.24
N SER C 43 -28.23 -18.83 -2.22
CA SER C 43 -28.14 -18.30 -3.57
C SER C 43 -26.67 -18.27 -4.06
N LEU C 44 -25.94 -19.33 -3.73
CA LEU C 44 -24.48 -19.29 -3.83
C LEU C 44 -24.01 -20.33 -4.86
N THR C 45 -23.20 -19.90 -5.82
CA THR C 45 -22.63 -20.82 -6.80
C THR C 45 -21.52 -21.59 -6.10
N VAL C 46 -21.48 -22.91 -6.32
CA VAL C 46 -20.52 -23.78 -5.64
C VAL C 46 -19.90 -24.72 -6.65
N ALA C 47 -18.78 -25.34 -6.28
CA ALA C 47 -18.23 -26.44 -7.05
C ALA C 47 -18.52 -27.78 -6.32
N VAL C 48 -18.87 -28.79 -7.10
CA VAL C 48 -19.36 -30.07 -6.53
C VAL C 48 -18.63 -31.23 -7.18
N LYS C 49 -17.76 -31.88 -6.42
CA LYS C 49 -17.04 -33.07 -6.92
C LYS C 49 -17.88 -34.32 -6.63
N THR C 50 -18.01 -35.18 -7.63
CA THR C 50 -18.89 -36.33 -7.47
C THR C 50 -18.22 -37.61 -7.94
N LEU C 51 -18.81 -38.74 -7.59
CA LEU C 51 -18.22 -40.02 -7.94
C LEU C 51 -19.38 -40.95 -8.26
N VAL C 58 -13.67 -45.26 -4.20
CA VAL C 58 -14.51 -44.74 -3.11
C VAL C 58 -13.64 -44.40 -1.90
N GLU C 59 -12.76 -45.32 -1.52
CA GLU C 59 -11.85 -45.06 -0.41
C GLU C 59 -11.02 -43.78 -0.63
N GLU C 60 -10.47 -43.59 -1.84
CA GLU C 60 -9.77 -42.36 -2.21
C GLU C 60 -10.64 -41.13 -1.96
N PHE C 61 -11.90 -41.21 -2.40
CA PHE C 61 -12.81 -40.07 -2.36
C PHE C 61 -13.20 -39.72 -0.92
N LEU C 62 -13.49 -40.76 -0.12
CA LEU C 62 -13.80 -40.56 1.29
C LEU C 62 -12.56 -40.06 2.05
N LYS C 63 -11.38 -40.52 1.69
CA LYS C 63 -10.19 -40.03 2.38
C LYS C 63 -9.98 -38.55 2.04
N GLU C 64 -10.29 -38.18 0.80
CA GLU C 64 -10.19 -36.74 0.46
C GLU C 64 -11.13 -35.86 1.33
N ALA C 65 -12.39 -36.27 1.43
CA ALA C 65 -13.36 -35.58 2.28
C ALA C 65 -12.82 -35.39 3.67
N ALA C 66 -12.28 -36.48 4.24
CA ALA C 66 -11.80 -36.42 5.63
C ALA C 66 -10.65 -35.45 5.83
N VAL C 67 -9.69 -35.45 4.89
CA VAL C 67 -8.60 -34.46 4.94
C VAL C 67 -9.11 -33.03 4.89
N MET C 68 -10.11 -32.81 4.03
CA MET C 68 -10.60 -31.46 3.81
C MET C 68 -11.31 -30.94 5.04
N LYS C 69 -11.91 -31.83 5.82
CA LYS C 69 -12.54 -31.42 7.08
C LYS C 69 -11.52 -30.95 8.11
N GLU C 70 -10.29 -31.41 7.95
CA GLU C 70 -9.23 -31.04 8.83
C GLU C 70 -8.51 -29.72 8.49
N ILE C 71 -8.81 -29.08 7.36
CA ILE C 71 -8.00 -27.91 6.94
C ILE C 71 -8.83 -26.67 6.76
N LYS C 72 -8.35 -25.56 7.30
CA LYS C 72 -9.04 -24.33 7.13
C LYS C 72 -8.05 -23.20 7.07
N HIS C 73 -8.08 -22.44 6.00
CA HIS C 73 -7.10 -21.36 5.83
C HIS C 73 -7.69 -20.49 4.75
N PRO C 74 -7.53 -19.18 4.85
CA PRO C 74 -8.10 -18.22 3.92
C PRO C 74 -7.57 -18.48 2.50
N ASN C 75 -6.43 -19.17 2.39
CA ASN C 75 -5.83 -19.42 0.99
C ASN C 75 -5.79 -20.88 0.62
N LEU C 76 -6.66 -21.67 1.27
CA LEU C 76 -6.94 -23.00 0.84
C LEU C 76 -8.38 -23.10 0.47
N VAL C 77 -8.65 -23.78 -0.65
CA VAL C 77 -10.04 -23.84 -1.11
C VAL C 77 -10.93 -24.45 0.05
N GLN C 78 -12.08 -23.83 0.26
CA GLN C 78 -12.91 -24.07 1.49
C GLN C 78 -13.95 -25.13 1.20
N LEU C 79 -13.90 -26.22 1.95
CA LEU C 79 -14.92 -27.19 1.97
C LEU C 79 -16.16 -26.56 2.59
N LEU C 80 -17.31 -26.74 1.93
CA LEU C 80 -18.61 -26.27 2.42
C LEU C 80 -19.51 -27.40 2.96
N GLY C 81 -19.37 -28.60 2.41
CA GLY C 81 -20.19 -29.73 2.87
C GLY C 81 -19.87 -30.95 2.03
N VAL C 82 -20.43 -32.09 2.45
CA VAL C 82 -20.24 -33.40 1.80
C VAL C 82 -21.61 -34.10 1.76
N CYS C 83 -21.76 -35.03 0.81
CA CYS C 83 -22.91 -35.93 0.79
C CYS C 83 -22.28 -37.34 0.66
N THR C 84 -21.98 -37.96 1.80
CA THR C 84 -21.26 -39.24 1.76
C THR C 84 -21.96 -40.34 2.53
N ARG C 85 -23.27 -40.16 2.73
CA ARG C 85 -24.12 -41.21 3.27
C ARG C 85 -24.29 -42.28 2.19
N GLU C 86 -24.97 -41.87 1.12
CA GLU C 86 -25.35 -42.79 0.06
C GLU C 86 -24.67 -42.24 -1.18
N PRO C 87 -24.53 -43.08 -2.24
CA PRO C 87 -24.14 -42.56 -3.55
C PRO C 87 -25.34 -41.79 -4.08
N PRO C 88 -25.14 -40.86 -5.04
CA PRO C 88 -23.83 -40.41 -5.53
C PRO C 88 -23.11 -39.48 -4.52
N PHE C 89 -21.91 -39.86 -4.08
CA PHE C 89 -21.11 -39.05 -3.13
C PHE C 89 -20.72 -37.65 -3.68
N TYR C 90 -20.93 -36.59 -2.88
CA TYR C 90 -20.48 -35.23 -3.24
C TYR C 90 -19.44 -34.70 -2.26
N ILE C 91 -18.51 -33.88 -2.76
CA ILE C 91 -17.72 -32.96 -1.97
C ILE C 91 -17.97 -31.56 -2.53
N ILE C 92 -18.42 -30.65 -1.68
CA ILE C 92 -18.83 -29.32 -2.13
C ILE C 92 -17.83 -28.27 -1.61
N THR C 93 -17.37 -27.37 -2.51
CA THR C 93 -16.49 -26.29 -2.09
C THR C 93 -17.00 -25.00 -2.67
N GLU C 94 -16.45 -23.87 -2.19
CA GLU C 94 -16.72 -22.56 -2.80
C GLU C 94 -16.34 -22.62 -4.31
N PHE C 95 -16.90 -21.71 -5.07
CA PHE C 95 -16.56 -21.51 -6.46
C PHE C 95 -15.74 -20.23 -6.55
N MET C 96 -14.65 -20.26 -7.32
CA MET C 96 -13.75 -19.09 -7.37
C MET C 96 -13.96 -18.49 -8.76
N THR C 97 -14.42 -17.25 -8.80
CA THR C 97 -14.87 -16.59 -10.04
C THR C 97 -13.97 -16.68 -11.26
N TYR C 98 -12.66 -16.55 -11.07
CA TYR C 98 -11.77 -16.49 -12.22
C TYR C 98 -11.07 -17.78 -12.61
N GLY C 99 -11.39 -18.88 -11.92
CA GLY C 99 -10.90 -20.18 -12.38
C GLY C 99 -9.43 -20.37 -12.00
N ASN C 100 -8.80 -21.30 -12.72
CA ASN C 100 -7.46 -21.76 -12.34
C ASN C 100 -6.42 -20.67 -12.67
N LEU C 101 -5.42 -20.60 -11.79
CA LEU C 101 -4.37 -19.61 -11.83
C LEU C 101 -3.56 -19.68 -13.13
N LEU C 102 -3.32 -20.90 -13.64
CA LEU C 102 -2.48 -20.97 -14.83
C LEU C 102 -3.13 -20.24 -16.06
N ASP C 103 -4.38 -20.58 -16.34
CA ASP C 103 -5.15 -19.90 -17.37
C ASP C 103 -5.38 -18.41 -17.08
N TYR C 104 -5.60 -18.09 -15.82
CA TYR C 104 -5.74 -16.69 -15.40
C TYR C 104 -4.48 -15.86 -15.81
N LEU C 105 -3.31 -16.32 -15.42
CA LEU C 105 -2.05 -15.64 -15.73
C LEU C 105 -1.89 -15.50 -17.25
N ARG C 106 -2.19 -16.56 -17.98
CA ARG C 106 -2.08 -16.50 -19.48
C ARG C 106 -3.02 -15.47 -20.12
N GLU C 107 -4.21 -15.31 -19.54
CA GLU C 107 -5.28 -14.53 -20.16
C GLU C 107 -5.43 -13.15 -19.55
N CYS C 108 -4.66 -12.81 -18.51
CA CYS C 108 -4.94 -11.60 -17.71
C CYS C 108 -4.57 -10.31 -18.43
N ASN C 109 -5.13 -9.21 -17.96
CA ASN C 109 -4.68 -7.87 -18.37
C ASN C 109 -3.38 -7.64 -17.62
N ARG C 110 -2.27 -7.55 -18.32
CA ARG C 110 -0.97 -7.37 -17.67
C ARG C 110 -0.68 -6.00 -17.04
N GLN C 111 -1.39 -4.95 -17.45
CA GLN C 111 -1.34 -3.69 -16.75
C GLN C 111 -2.02 -3.78 -15.37
N GLU C 112 -3.14 -4.49 -15.30
CA GLU C 112 -3.79 -4.78 -14.04
C GLU C 112 -2.98 -5.76 -13.14
N VAL C 113 -2.48 -6.83 -13.74
CA VAL C 113 -1.81 -7.91 -12.95
C VAL C 113 -0.35 -7.59 -13.08
N SER C 114 0.03 -6.59 -12.31
CA SER C 114 1.37 -6.00 -12.37
C SER C 114 2.29 -6.82 -11.46
N ALA C 115 3.57 -6.42 -11.37
CA ALA C 115 4.50 -7.09 -10.50
C ALA C 115 4.01 -7.25 -9.04
N VAL C 116 3.38 -6.22 -8.50
CA VAL C 116 2.91 -6.26 -7.11
C VAL C 116 1.78 -7.24 -6.96
N VAL C 117 0.97 -7.42 -8.00
CA VAL C 117 -0.15 -8.40 -7.92
C VAL C 117 0.49 -9.79 -7.96
N LEU C 118 1.52 -9.96 -8.80
CA LEU C 118 2.19 -11.28 -8.84
C LEU C 118 2.80 -11.60 -7.45
N LEU C 119 3.46 -10.59 -6.86
CA LEU C 119 3.93 -10.71 -5.46
C LEU C 119 2.80 -11.11 -4.48
N TYR C 120 1.67 -10.39 -4.51
CA TYR C 120 0.47 -10.80 -3.74
C TYR C 120 0.07 -12.24 -3.95
N MET C 121 0.05 -12.70 -5.21
CA MET C 121 -0.40 -14.04 -5.46
C MET C 121 0.56 -15.06 -4.83
N ALA C 122 1.88 -14.82 -4.98
CA ALA C 122 2.91 -15.69 -4.38
C ALA C 122 2.89 -15.70 -2.88
N THR C 123 2.69 -14.53 -2.29
CA THR C 123 2.56 -14.39 -0.84
C THR C 123 1.38 -15.24 -0.34
N GLN C 124 0.22 -15.14 -0.99
CA GLN C 124 -0.95 -15.91 -0.51
C GLN C 124 -0.69 -17.40 -0.60
N ILE C 125 -0.04 -17.85 -1.71
CA ILE C 125 0.20 -19.31 -1.83
C ILE C 125 1.19 -19.79 -0.75
N SER C 126 2.24 -19.02 -0.51
CA SER C 126 3.20 -19.44 0.53
C SER C 126 2.51 -19.45 1.94
N SER C 127 1.48 -18.64 2.15
CA SER C 127 0.75 -18.63 3.43
C SER C 127 -0.02 -19.96 3.59
N ALA C 128 -0.66 -20.41 2.54
CA ALA C 128 -1.34 -21.69 2.54
C ALA C 128 -0.38 -22.80 2.81
N MET C 129 0.78 -22.79 2.13
CA MET C 129 1.77 -23.84 2.30
C MET C 129 2.45 -23.85 3.67
N GLU C 130 2.70 -22.67 4.24
CA GLU C 130 3.14 -22.55 5.65
C GLU C 130 2.14 -23.24 6.59
N TYR C 131 0.88 -22.98 6.37
CA TYR C 131 -0.20 -23.72 7.12
C TYR C 131 -0.19 -25.23 6.98
N LEU C 132 -0.18 -25.73 5.73
CA LEU C 132 -0.04 -27.18 5.51
C LEU C 132 1.20 -27.76 6.19
N GLU C 133 2.31 -27.04 6.12
CA GLU C 133 3.58 -27.49 6.73
C GLU C 133 3.42 -27.60 8.28
N LYS C 134 2.80 -26.58 8.88
CA LYS C 134 2.57 -26.48 10.34
C LYS C 134 1.62 -27.63 10.73
N LYS C 135 0.69 -27.98 9.84
CA LYS C 135 -0.21 -29.10 10.18
C LYS C 135 0.34 -30.47 9.78
N ASN C 136 1.58 -30.51 9.31
CA ASN C 136 2.23 -31.76 8.89
C ASN C 136 1.57 -32.46 7.69
N PHE C 137 0.92 -31.70 6.80
CA PHE C 137 0.38 -32.19 5.55
C PHE C 137 1.43 -31.95 4.42
N ILE C 138 1.28 -32.68 3.35
CA ILE C 138 2.16 -32.59 2.18
C ILE C 138 1.19 -32.40 1.04
N HIS C 139 1.48 -31.50 0.11
CA HIS C 139 0.55 -31.29 -1.00
C HIS C 139 0.71 -32.38 -2.03
N ARG C 140 1.94 -32.51 -2.54
CA ARG C 140 2.40 -33.50 -3.56
C ARG C 140 2.17 -33.04 -4.98
N ASP C 141 1.32 -32.04 -5.22
CA ASP C 141 1.14 -31.62 -6.60
C ASP C 141 0.92 -30.13 -6.74
N LEU C 142 1.82 -29.37 -6.12
CA LEU C 142 1.66 -27.94 -6.12
C LEU C 142 2.09 -27.35 -7.49
N ALA C 143 1.25 -26.50 -8.09
CA ALA C 143 1.51 -25.95 -9.44
C ALA C 143 0.38 -24.97 -9.72
N ALA C 144 0.56 -24.09 -10.72
CA ALA C 144 -0.44 -23.05 -10.97
C ALA C 144 -1.75 -23.66 -11.40
N ARG C 145 -1.69 -24.77 -12.15
CA ARG C 145 -2.96 -25.50 -12.52
C ARG C 145 -3.85 -25.99 -11.35
N ASN C 146 -3.27 -26.05 -10.16
CA ASN C 146 -3.96 -26.47 -8.95
C ASN C 146 -4.24 -25.31 -8.00
N CYS C 147 -4.17 -24.08 -8.52
CA CYS C 147 -4.55 -22.89 -7.75
C CYS C 147 -5.74 -22.19 -8.41
N LEU C 148 -6.57 -21.52 -7.60
CA LEU C 148 -7.75 -20.81 -8.10
C LEU C 148 -7.69 -19.33 -7.80
N VAL C 149 -8.35 -18.56 -8.65
CA VAL C 149 -8.33 -17.12 -8.47
C VAL C 149 -9.77 -16.58 -8.28
N GLY C 150 -9.95 -15.75 -7.26
CA GLY C 150 -11.27 -15.13 -7.00
C GLY C 150 -11.21 -13.65 -7.21
N GLU C 151 -12.20 -12.92 -6.65
CA GLU C 151 -12.19 -11.46 -6.72
C GLU C 151 -11.00 -10.86 -6.05
N ASN C 152 -10.65 -9.68 -6.53
CA ASN C 152 -9.57 -8.87 -5.95
C ASN C 152 -8.22 -9.62 -5.87
N HIS C 153 -7.97 -10.48 -6.85
CA HIS C 153 -6.74 -11.32 -6.91
C HIS C 153 -6.54 -12.22 -5.69
N LEU C 154 -7.64 -12.59 -5.05
CA LEU C 154 -7.62 -13.62 -4.03
C LEU C 154 -7.12 -14.96 -4.71
N VAL C 155 -6.17 -15.62 -4.07
CA VAL C 155 -5.68 -16.86 -4.60
C VAL C 155 -5.78 -17.96 -3.59
N LYS C 156 -6.25 -19.14 -4.01
CA LYS C 156 -6.28 -20.26 -3.08
C LYS C 156 -5.62 -21.48 -3.68
N VAL C 157 -4.96 -22.25 -2.83
CA VAL C 157 -4.35 -23.49 -3.21
C VAL C 157 -5.41 -24.60 -3.13
N ALA C 158 -5.42 -25.49 -4.12
CA ALA C 158 -6.34 -26.60 -4.18
C ALA C 158 -5.59 -27.85 -4.66
N ASP C 159 -6.29 -28.97 -4.76
CA ASP C 159 -5.68 -30.15 -5.33
C ASP C 159 -6.77 -30.86 -6.11
N PHE C 160 -6.70 -30.72 -7.43
CA PHE C 160 -7.79 -31.19 -8.32
C PHE C 160 -7.65 -32.69 -8.73
N GLY C 161 -6.61 -33.37 -8.22
CA GLY C 161 -6.35 -34.76 -8.57
C GLY C 161 -6.16 -34.91 -10.08
N LEU C 162 -5.36 -34.02 -10.66
CA LEU C 162 -5.18 -33.94 -12.12
C LEU C 162 -4.35 -35.07 -12.82
N SER C 163 -3.58 -35.87 -12.07
CA SER C 163 -2.64 -36.93 -12.58
C SER C 163 -3.21 -37.66 -13.78
N ARG C 164 -4.43 -38.15 -13.59
CA ARG C 164 -5.08 -39.09 -14.53
C ARG C 164 -6.20 -38.44 -15.34
N LEU C 165 -6.32 -37.13 -15.24
CA LEU C 165 -7.21 -36.39 -16.14
C LEU C 165 -6.43 -35.74 -17.35
N MET C 166 -5.50 -34.82 -17.06
CA MET C 166 -4.76 -34.06 -18.12
C MET C 166 -4.26 -34.94 -19.25
N GLY C 168 -2.19 -34.35 -21.79
CA GLY C 168 -0.91 -34.26 -22.52
C GLY C 168 0.36 -34.68 -21.79
N ASP C 169 1.46 -33.95 -21.99
CA ASP C 169 2.79 -34.28 -21.39
C ASP C 169 3.01 -33.73 -19.96
N THR C 170 2.01 -33.05 -19.39
CA THR C 170 2.22 -32.43 -18.05
C THR C 170 2.55 -33.53 -17.07
N TYR C 171 1.74 -34.59 -17.04
CA TYR C 171 2.03 -35.75 -16.23
C TYR C 171 2.52 -36.90 -17.08
N THR C 172 3.54 -37.59 -16.62
CA THR C 172 3.94 -38.77 -17.31
C THR C 172 4.09 -39.98 -16.39
N ALA C 173 3.80 -41.13 -16.98
CA ALA C 173 3.70 -42.40 -16.25
C ALA C 173 5.00 -42.75 -15.50
N HIS C 174 4.77 -43.38 -14.36
CA HIS C 174 5.79 -43.99 -13.50
C HIS C 174 5.11 -45.05 -12.62
N ALA C 175 5.48 -46.30 -12.88
CA ALA C 175 4.86 -47.44 -12.17
C ALA C 175 3.44 -47.16 -11.62
N GLY C 176 2.44 -47.17 -12.51
CA GLY C 176 1.03 -47.15 -12.09
C GLY C 176 0.66 -45.80 -11.53
N ALA C 177 1.64 -44.88 -11.50
CA ALA C 177 1.43 -43.46 -11.19
C ALA C 177 1.96 -42.47 -12.26
N LYS C 178 1.33 -41.31 -12.29
CA LYS C 178 1.68 -40.31 -13.24
C LYS C 178 2.21 -39.13 -12.44
N PHE C 179 3.36 -38.60 -12.83
CA PHE C 179 4.04 -37.56 -12.04
C PHE C 179 4.28 -36.40 -12.97
N PRO C 180 4.21 -35.17 -12.45
CA PRO C 180 4.51 -34.03 -13.33
C PRO C 180 6.02 -33.73 -13.25
N ILE C 181 6.81 -34.35 -14.13
CA ILE C 181 8.27 -34.37 -13.97
C ILE C 181 8.86 -33.01 -13.76
N LYS C 182 8.34 -31.99 -14.45
CA LYS C 182 8.96 -30.68 -14.40
C LYS C 182 8.65 -29.91 -13.12
N TRP C 183 7.77 -30.45 -12.27
CA TRP C 183 7.52 -29.85 -10.97
C TRP C 183 8.07 -30.77 -9.84
N THR C 184 8.75 -31.84 -10.20
CA THR C 184 8.99 -32.95 -9.23
C THR C 184 10.45 -32.83 -8.70
N ALA C 185 10.61 -32.77 -7.38
CA ALA C 185 11.95 -32.66 -6.77
C ALA C 185 12.86 -33.88 -7.09
N PRO C 186 14.20 -33.72 -7.14
CA PRO C 186 15.05 -34.79 -7.60
C PRO C 186 14.92 -36.03 -6.71
N GLU C 187 14.79 -35.88 -5.38
CA GLU C 187 14.67 -37.05 -4.54
C GLU C 187 13.29 -37.74 -4.75
N SER C 188 12.27 -37.01 -5.27
CA SER C 188 10.97 -37.66 -5.57
C SER C 188 11.11 -38.48 -6.88
N LEU C 189 11.76 -37.90 -7.88
CA LEU C 189 12.12 -38.61 -9.13
C LEU C 189 12.99 -39.85 -8.86
N ALA C 190 13.98 -39.76 -7.96
CA ALA C 190 14.90 -40.85 -7.83
C ALA C 190 14.47 -41.89 -6.80
N TYR C 191 13.84 -41.47 -5.72
CA TYR C 191 13.60 -42.40 -4.62
C TYR C 191 12.14 -42.46 -4.25
N ASN C 192 11.27 -41.81 -5.03
CA ASN C 192 9.87 -41.73 -4.63
C ASN C 192 9.74 -41.15 -3.21
N LYS C 193 10.65 -40.28 -2.79
CA LYS C 193 10.50 -39.59 -1.47
C LYS C 193 9.76 -38.26 -1.63
N PHE C 194 8.58 -38.15 -0.99
CA PHE C 194 7.82 -36.93 -1.03
C PHE C 194 7.78 -36.36 0.40
N SER C 195 7.86 -35.05 0.54
CA SER C 195 7.84 -34.39 1.85
C SER C 195 7.43 -32.96 1.63
N ILE C 196 7.26 -32.24 2.73
CA ILE C 196 7.11 -30.83 2.63
C ILE C 196 8.26 -30.16 1.84
N LYS C 197 9.50 -30.65 1.94
CA LYS C 197 10.57 -30.07 1.10
C LYS C 197 10.43 -30.34 -0.44
N SER C 198 9.79 -31.43 -0.84
CA SER C 198 9.49 -31.60 -2.25
C SER C 198 8.37 -30.67 -2.68
N ASP C 199 7.44 -30.30 -1.76
CA ASP C 199 6.48 -29.20 -2.07
C ASP C 199 7.20 -27.83 -2.23
N VAL C 200 8.20 -27.57 -1.39
CA VAL C 200 9.03 -26.38 -1.54
C VAL C 200 9.71 -26.30 -2.94
N TRP C 201 10.27 -27.42 -3.39
CA TRP C 201 10.80 -27.51 -4.79
C TRP C 201 9.72 -27.11 -5.80
N ALA C 202 8.56 -27.73 -5.69
CA ALA C 202 7.45 -27.45 -6.62
C ALA C 202 6.98 -26.01 -6.53
N PHE C 203 7.04 -25.43 -5.32
CA PHE C 203 6.65 -24.04 -5.13
C PHE C 203 7.62 -23.12 -5.93
N GLY C 204 8.91 -23.47 -5.91
CA GLY C 204 9.89 -22.72 -6.74
C GLY C 204 9.44 -22.77 -8.23
N VAL C 205 9.02 -23.94 -8.71
CA VAL C 205 8.54 -23.99 -10.14
C VAL C 205 7.27 -23.16 -10.32
N LEU C 206 6.36 -23.22 -9.34
CA LEU C 206 5.13 -22.39 -9.38
C LEU C 206 5.49 -20.91 -9.38
N LEU C 207 6.48 -20.48 -8.62
CA LEU C 207 6.88 -19.10 -8.66
C LEU C 207 7.35 -18.68 -10.02
N TRP C 208 8.13 -19.54 -10.67
CA TRP C 208 8.56 -19.30 -12.08
C TRP C 208 7.34 -19.18 -13.03
N GLU C 209 6.33 -20.02 -12.84
CA GLU C 209 5.09 -19.93 -13.64
C GLU C 209 4.44 -18.58 -13.44
N ILE C 210 4.39 -18.10 -12.17
CA ILE C 210 3.79 -16.81 -11.88
C ILE C 210 4.60 -15.72 -12.57
N ALA C 211 5.93 -15.77 -12.42
CA ALA C 211 6.82 -14.72 -12.97
C ALA C 211 6.82 -14.58 -14.47
N THR C 212 6.46 -15.65 -15.19
CA THR C 212 6.39 -15.66 -16.64
C THR C 212 4.95 -15.53 -17.17
N TYR C 213 4.02 -15.14 -16.32
CA TYR C 213 2.58 -15.12 -16.72
C TYR C 213 2.15 -16.51 -17.33
N GLY C 214 2.54 -17.64 -16.70
CA GLY C 214 1.96 -18.92 -17.06
C GLY C 214 2.77 -19.66 -18.14
N MET C 215 4.07 -19.35 -18.34
CA MET C 215 4.80 -20.16 -19.35
C MET C 215 5.03 -21.56 -18.84
N SER C 216 5.19 -22.54 -19.75
CA SER C 216 5.61 -23.91 -19.33
C SER C 216 7.05 -23.93 -18.86
N PRO C 217 7.36 -24.62 -17.76
CA PRO C 217 8.75 -24.67 -17.28
C PRO C 217 9.67 -25.54 -18.19
N TYR C 218 10.97 -25.31 -18.11
CA TYR C 218 11.98 -26.06 -18.93
C TYR C 218 11.55 -26.19 -20.35
N PRO C 219 11.32 -25.04 -21.04
CA PRO C 219 10.60 -25.22 -22.33
C PRO C 219 11.47 -25.95 -23.33
N GLY C 220 10.84 -26.87 -24.05
CA GLY C 220 11.42 -27.75 -25.03
C GLY C 220 12.42 -28.77 -24.50
N ILE C 221 12.66 -28.79 -23.20
CA ILE C 221 13.58 -29.79 -22.63
C ILE C 221 12.89 -31.16 -22.58
N ASP C 222 13.54 -32.16 -23.17
CA ASP C 222 12.91 -33.44 -23.15
C ASP C 222 12.90 -33.98 -21.71
N LEU C 223 11.77 -34.55 -21.37
CA LEU C 223 11.54 -34.98 -20.01
C LEU C 223 12.57 -35.94 -19.53
N SER C 224 13.11 -36.77 -20.45
CA SER C 224 14.04 -37.79 -19.99
C SER C 224 15.40 -37.23 -19.69
N GLN C 225 15.62 -35.92 -19.89
CA GLN C 225 16.95 -35.36 -19.56
C GLN C 225 16.86 -34.39 -18.40
N VAL C 226 15.65 -34.24 -17.83
CA VAL C 226 15.44 -33.30 -16.69
C VAL C 226 16.27 -33.67 -15.49
N TYR C 227 16.13 -34.90 -14.99
CA TYR C 227 16.89 -35.25 -13.81
C TYR C 227 18.41 -35.02 -14.01
N GLU C 228 18.92 -35.53 -15.12
CA GLU C 228 20.32 -35.43 -15.45
C GLU C 228 20.81 -33.98 -15.42
N LEU C 229 20.07 -33.08 -16.09
CA LEU C 229 20.35 -31.64 -16.05
C LEU C 229 20.35 -31.09 -14.60
N LEU C 230 19.32 -31.45 -13.81
CA LEU C 230 19.26 -31.00 -12.43
C LEU C 230 20.48 -31.48 -11.68
N GLU C 231 20.88 -32.72 -11.96
CA GLU C 231 22.01 -33.30 -11.22
C GLU C 231 23.29 -32.58 -11.59
N LYS C 232 23.36 -32.09 -12.83
CA LYS C 232 24.49 -31.23 -13.27
C LYS C 232 24.40 -29.75 -12.93
N ASP C 233 23.43 -29.41 -12.06
CA ASP C 233 23.25 -28.07 -11.47
C ASP C 233 22.62 -27.08 -12.45
N TYR C 234 21.97 -27.57 -13.51
CA TYR C 234 21.19 -26.72 -14.36
C TYR C 234 19.92 -26.32 -13.59
N ARG C 235 19.53 -25.05 -13.70
CA ARG C 235 18.22 -24.57 -13.14
C ARG C 235 17.68 -23.57 -14.12
N MET C 236 16.36 -23.41 -14.16
CA MET C 236 15.78 -22.39 -15.00
C MET C 236 16.31 -20.96 -14.72
N GLU C 237 16.45 -20.21 -15.82
CA GLU C 237 16.94 -18.84 -15.78
C GLU C 237 15.90 -17.93 -15.12
N ARG C 238 16.39 -16.78 -14.66
CA ARG C 238 15.50 -15.71 -14.14
C ARG C 238 14.58 -15.16 -15.23
N PRO C 239 13.24 -15.24 -15.03
CA PRO C 239 12.28 -14.63 -15.96
C PRO C 239 12.53 -13.11 -16.14
N GLU C 240 12.32 -12.58 -17.36
CA GLU C 240 12.31 -11.11 -17.57
C GLU C 240 11.49 -10.38 -16.48
N GLY C 241 12.08 -9.38 -15.84
CA GLY C 241 11.33 -8.57 -14.86
C GLY C 241 11.12 -9.22 -13.49
N CYS C 242 11.67 -10.41 -13.28
CA CYS C 242 11.55 -11.03 -11.98
C CYS C 242 12.59 -10.41 -11.05
N PRO C 243 12.17 -9.89 -9.91
CA PRO C 243 13.17 -9.20 -9.07
C PRO C 243 14.26 -10.18 -8.65
N GLU C 244 15.51 -9.71 -8.44
CA GLU C 244 16.58 -10.56 -7.98
C GLU C 244 16.27 -11.36 -6.75
N LYS C 245 15.63 -10.71 -5.73
CA LYS C 245 15.25 -11.39 -4.46
C LYS C 245 14.28 -12.52 -4.67
N VAL C 246 13.38 -12.30 -5.60
CA VAL C 246 12.40 -13.34 -5.88
C VAL C 246 13.09 -14.49 -6.58
N TYR C 247 14.01 -14.19 -7.49
CA TYR C 247 14.76 -15.30 -8.12
C TYR C 247 15.67 -16.05 -7.13
N GLU C 248 16.22 -15.33 -6.14
CA GLU C 248 17.10 -15.95 -5.18
C GLU C 248 16.25 -16.94 -4.35
N LEU C 249 15.04 -16.54 -4.05
CA LEU C 249 14.07 -17.45 -3.39
C LEU C 249 13.79 -18.69 -4.21
N MET C 250 13.46 -18.51 -5.48
CA MET C 250 13.25 -19.66 -6.38
C MET C 250 14.44 -20.65 -6.34
N ARG C 251 15.65 -20.12 -6.50
CA ARG C 251 16.89 -20.90 -6.42
C ARG C 251 17.13 -21.69 -5.13
N ALA C 252 16.79 -21.04 -4.00
CA ALA C 252 16.87 -21.70 -2.71
C ALA C 252 15.87 -22.88 -2.69
N CYS C 253 14.69 -22.69 -3.28
CA CYS C 253 13.68 -23.78 -3.32
C CYS C 253 14.20 -24.93 -4.19
N TRP C 254 15.10 -24.62 -5.15
CA TRP C 254 15.69 -25.66 -6.03
C TRP C 254 17.07 -26.16 -5.58
N GLN C 255 17.38 -26.02 -4.31
CA GLN C 255 18.54 -26.69 -3.74
C GLN C 255 18.42 -28.20 -3.85
N TRP C 256 19.52 -28.83 -4.32
CA TRP C 256 19.60 -30.28 -4.51
C TRP C 256 19.21 -31.10 -3.26
N ASN C 257 19.84 -30.83 -2.12
CA ASN C 257 19.52 -31.56 -0.86
C ASN C 257 18.22 -30.96 -0.27
N PRO C 258 17.18 -31.77 0.02
CA PRO C 258 15.94 -31.20 0.51
C PRO C 258 16.15 -30.41 1.80
N SER C 259 17.12 -30.82 2.62
CA SER C 259 17.33 -30.16 3.91
C SER C 259 17.95 -28.75 3.74
N ASP C 260 18.57 -28.49 2.59
CA ASP C 260 19.05 -27.15 2.27
C ASP C 260 17.99 -26.18 1.81
N ARG C 261 16.77 -26.67 1.51
CA ARG C 261 15.71 -25.79 1.02
C ARG C 261 15.11 -25.04 2.21
N PRO C 262 14.69 -23.79 2.02
CA PRO C 262 14.00 -23.11 3.13
C PRO C 262 12.64 -23.76 3.49
N SER C 263 12.13 -23.49 4.71
CA SER C 263 10.79 -23.89 5.11
C SER C 263 9.77 -22.95 4.45
N PHE C 264 8.51 -23.38 4.31
CA PHE C 264 7.47 -22.41 3.96
C PHE C 264 7.29 -21.23 4.93
N ALA C 265 7.57 -21.49 6.20
CA ALA C 265 7.57 -20.40 7.22
C ALA C 265 8.55 -19.28 6.77
N GLU C 266 9.78 -19.69 6.46
CA GLU C 266 10.77 -18.76 5.94
C GLU C 266 10.38 -18.09 4.61
N ILE C 267 9.88 -18.91 3.67
CA ILE C 267 9.51 -18.37 2.37
C ILE C 267 8.43 -17.30 2.60
N HIS C 268 7.40 -17.66 3.37
CA HIS C 268 6.24 -16.73 3.54
C HIS C 268 6.72 -15.41 4.20
N GLN C 269 7.53 -15.57 5.24
CA GLN C 269 8.09 -14.41 5.96
C GLN C 269 8.88 -13.54 4.95
N ALA C 270 9.58 -14.18 3.99
CA ALA C 270 10.41 -13.44 3.03
C ALA C 270 9.46 -12.68 2.10
N PHE C 271 8.41 -13.33 1.61
CA PHE C 271 7.40 -12.59 0.82
C PHE C 271 6.57 -11.53 1.59
N GLU C 272 6.14 -11.87 2.80
CA GLU C 272 5.39 -10.91 3.65
C GLU C 272 6.23 -9.66 3.80
N THR C 273 7.52 -9.85 4.05
CA THR C 273 8.43 -8.71 4.13
C THR C 273 8.44 -7.86 2.88
N MET C 274 8.65 -8.46 1.69
CA MET C 274 8.63 -7.70 0.44
C MET C 274 7.27 -7.07 0.25
N PHE C 275 6.23 -7.83 0.58
CA PHE C 275 4.87 -7.36 0.32
C PHE C 275 4.56 -6.09 1.15
N GLN C 276 5.17 -5.96 2.33
CA GLN C 276 5.10 -4.72 3.13
C GLN C 276 5.94 -3.57 2.58
N MET D 3 -14.93 -6.93 14.30
CA MET D 3 -16.25 -7.62 14.09
C MET D 3 -17.49 -6.67 13.99
N ASP D 4 -18.64 -7.23 13.60
CA ASP D 4 -19.83 -6.45 13.19
C ASP D 4 -20.69 -5.98 14.38
N PRO D 5 -20.91 -4.65 14.55
CA PRO D 5 -21.51 -4.09 15.77
C PRO D 5 -22.90 -4.65 16.09
N SER D 6 -23.61 -5.11 15.07
CA SER D 6 -24.65 -6.12 15.34
C SER D 6 -24.15 -7.59 15.24
N TYR D 10 -20.85 -9.58 19.67
CA TYR D 10 -19.88 -8.55 19.33
C TYR D 10 -18.90 -8.36 20.50
N ASP D 11 -17.62 -8.26 20.18
CA ASP D 11 -16.62 -8.00 21.21
C ASP D 11 -15.72 -6.89 20.69
N LYS D 12 -15.81 -5.71 21.32
CA LYS D 12 -15.09 -4.54 20.81
C LYS D 12 -13.54 -4.75 20.76
N TRP D 13 -13.06 -5.78 21.44
CA TRP D 13 -11.59 -5.96 21.60
C TRP D 13 -11.04 -6.80 20.45
N GLU D 14 -11.96 -7.49 19.74
CA GLU D 14 -11.51 -8.41 18.70
C GLU D 14 -10.96 -7.62 17.54
N MET D 15 -9.77 -7.98 17.05
CA MET D 15 -9.30 -7.24 15.88
C MET D 15 -8.87 -8.13 14.72
N GLU D 16 -8.57 -7.53 13.59
CA GLU D 16 -8.19 -8.28 12.41
C GLU D 16 -6.71 -8.53 12.51
N ARG D 17 -6.26 -9.79 12.61
CA ARG D 17 -4.80 -10.10 12.79
C ARG D 17 -3.93 -9.53 11.69
N THR D 18 -4.56 -9.44 10.52
CA THR D 18 -4.17 -8.64 9.36
C THR D 18 -3.72 -7.21 9.64
N ASP D 19 -4.31 -6.56 10.65
CA ASP D 19 -3.91 -5.18 11.03
C ASP D 19 -2.51 -5.18 11.66
N ILE D 20 -2.05 -6.36 12.07
CA ILE D 20 -0.80 -6.50 12.81
C ILE D 20 0.30 -7.21 12.01
N THR D 21 1.41 -6.50 11.84
CA THR D 21 2.60 -7.08 11.24
C THR D 21 3.51 -7.66 12.32
N MET D 22 3.59 -8.98 12.36
CA MET D 22 4.43 -9.70 13.30
C MET D 22 5.92 -9.56 12.98
N LYS D 23 6.73 -9.26 13.98
CA LYS D 23 8.16 -9.23 13.79
C LYS D 23 8.80 -10.29 14.68
N HIS D 24 10.04 -10.06 15.13
CA HIS D 24 10.81 -11.03 15.92
C HIS D 24 10.21 -11.24 17.33
N LYS D 25 10.45 -12.42 17.94
CA LYS D 25 10.19 -12.59 19.36
C LYS D 25 10.83 -11.45 20.14
N LEU D 26 10.09 -10.99 21.13
CA LEU D 26 10.47 -9.86 21.94
C LEU D 26 11.49 -10.28 22.99
N GLY D 27 12.47 -9.40 23.21
CA GLY D 27 13.40 -9.42 24.37
C GLY D 27 14.30 -10.65 24.31
N GLY D 28 14.62 -11.08 23.08
CA GLY D 28 15.41 -12.28 22.85
C GLY D 28 14.84 -13.60 23.31
N GLY D 29 13.52 -13.71 23.45
CA GLY D 29 12.92 -14.96 23.88
C GLY D 29 12.64 -15.12 25.37
N GLN D 30 13.02 -14.13 26.18
CA GLN D 30 12.76 -14.18 27.63
C GLN D 30 11.29 -14.10 28.10
N TYR D 31 10.36 -13.79 27.19
CA TYR D 31 8.94 -13.74 27.55
C TYR D 31 8.13 -14.90 26.96
N GLY D 32 8.84 -15.78 26.27
CA GLY D 32 8.20 -16.85 25.52
C GLY D 32 7.72 -16.38 24.16
N GLU D 33 6.49 -16.81 23.85
CA GLU D 33 5.80 -16.47 22.61
C GLU D 33 5.17 -15.05 22.65
N VAL D 34 6.00 -14.02 22.78
CA VAL D 34 5.52 -12.67 22.66
C VAL D 34 6.41 -12.03 21.67
N TYR D 35 5.82 -11.31 20.71
CA TYR D 35 6.54 -10.81 19.56
C TYR D 35 6.35 -9.32 19.48
N GLU D 36 7.32 -8.63 18.91
CA GLU D 36 7.16 -7.22 18.60
C GLU D 36 6.28 -7.19 17.39
N GLY D 37 5.32 -6.28 17.39
CA GLY D 37 4.42 -6.19 16.23
C GLY D 37 4.30 -4.73 15.87
N VAL D 38 3.77 -4.47 14.68
CA VAL D 38 3.35 -3.13 14.33
C VAL D 38 1.86 -3.19 14.01
N TRP D 39 1.11 -2.32 14.67
CA TRP D 39 -0.29 -2.08 14.42
C TRP D 39 -0.35 -1.03 13.29
N LYS D 40 -0.65 -1.53 12.08
CA LYS D 40 -0.48 -0.76 10.85
C LYS D 40 -1.38 0.47 10.83
N LYS D 41 -2.63 0.30 11.26
CA LYS D 41 -3.57 1.42 11.49
C LYS D 41 -2.80 2.63 11.99
N TYR D 42 -2.07 2.48 13.10
CA TYR D 42 -1.34 3.59 13.69
C TYR D 42 0.18 3.61 13.52
N SER D 43 0.75 2.74 12.67
CA SER D 43 2.18 2.42 12.65
C SER D 43 2.79 2.46 14.10
N LEU D 44 2.13 1.72 14.99
CA LEU D 44 2.49 1.71 16.41
C LEU D 44 3.06 0.38 16.74
N THR D 45 4.23 0.40 17.39
CA THR D 45 4.87 -0.85 17.85
C THR D 45 4.07 -1.39 19.02
N VAL D 46 3.81 -2.70 19.01
CA VAL D 46 2.97 -3.31 20.05
C VAL D 46 3.65 -4.61 20.41
N ALA D 47 3.21 -5.23 21.50
CA ALA D 47 3.67 -6.55 21.95
C ALA D 47 2.45 -7.46 21.76
N VAL D 48 2.74 -8.64 21.23
CA VAL D 48 1.71 -9.59 20.83
C VAL D 48 2.01 -10.93 21.44
N LYS D 49 1.19 -11.37 22.37
CA LYS D 49 1.41 -12.71 22.95
C LYS D 49 0.60 -13.70 22.12
N THR D 50 1.21 -14.84 21.76
CA THR D 50 0.56 -15.85 20.93
C THR D 50 0.65 -17.26 21.54
N LEU D 51 0.00 -18.23 20.92
CA LEU D 51 -0.21 -19.54 21.58
C LEU D 51 0.30 -20.72 20.75
N VAL D 58 -4.96 -23.19 26.13
CA VAL D 58 -5.96 -22.43 25.39
C VAL D 58 -6.97 -21.73 26.31
N GLU D 59 -7.45 -22.48 27.30
CA GLU D 59 -8.43 -22.01 28.28
C GLU D 59 -7.77 -21.03 29.28
N GLU D 60 -6.47 -21.25 29.55
CA GLU D 60 -5.72 -20.36 30.38
C GLU D 60 -5.50 -19.05 29.62
N PHE D 61 -5.21 -19.19 28.33
CA PHE D 61 -4.87 -18.07 27.48
C PHE D 61 -6.14 -17.22 27.36
N LEU D 62 -7.28 -17.88 27.14
CA LEU D 62 -8.56 -17.18 27.02
C LEU D 62 -9.03 -16.52 28.33
N LYS D 63 -8.76 -17.15 29.45
CA LYS D 63 -9.01 -16.54 30.73
C LYS D 63 -8.14 -15.27 31.00
N GLU D 64 -6.86 -15.31 30.61
CA GLU D 64 -5.98 -14.12 30.72
C GLU D 64 -6.58 -12.97 29.86
N ALA D 65 -6.93 -13.27 28.62
CA ALA D 65 -7.61 -12.31 27.77
C ALA D 65 -8.88 -11.69 28.43
N ALA D 66 -9.77 -12.50 28.99
CA ALA D 66 -10.99 -11.99 29.67
C ALA D 66 -10.72 -11.07 30.87
N VAL D 67 -9.76 -11.45 31.71
CA VAL D 67 -9.34 -10.64 32.85
C VAL D 67 -8.76 -9.27 32.40
N MET D 68 -7.91 -9.25 31.35
CA MET D 68 -7.32 -7.98 30.91
C MET D 68 -8.37 -6.99 30.38
N LYS D 69 -9.46 -7.53 29.83
CA LYS D 69 -10.59 -6.66 29.41
C LYS D 69 -11.25 -5.97 30.60
N GLU D 70 -11.06 -6.49 31.80
CA GLU D 70 -11.71 -5.89 32.99
C GLU D 70 -10.82 -4.84 33.70
N ILE D 71 -9.54 -4.79 33.38
CA ILE D 71 -8.68 -3.91 34.14
C ILE D 71 -8.19 -2.75 33.27
N LYS D 72 -8.24 -1.57 33.81
CA LYS D 72 -7.69 -0.42 33.11
C LYS D 72 -7.13 0.53 34.16
N HIS D 73 -5.85 0.88 34.05
CA HIS D 73 -5.26 1.78 35.00
C HIS D 73 -4.02 2.36 34.35
N PRO D 74 -3.65 3.61 34.68
CA PRO D 74 -2.47 4.21 34.07
C PRO D 74 -1.15 3.42 34.33
N ASN D 75 -1.12 2.61 35.38
CA ASN D 75 0.11 1.83 35.74
C ASN D 75 -0.04 0.32 35.62
N LEU D 76 -1.04 -0.12 34.83
CA LEU D 76 -1.12 -1.50 34.47
C LEU D 76 -0.98 -1.55 32.95
N VAL D 77 -0.22 -2.55 32.47
CA VAL D 77 0.02 -2.66 31.03
C VAL D 77 -1.33 -2.61 30.21
N GLN D 78 -1.41 -1.77 29.18
CA GLN D 78 -2.74 -1.46 28.53
C GLN D 78 -3.03 -2.48 27.45
N LEU D 79 -4.09 -3.26 27.62
CA LEU D 79 -4.59 -4.13 26.54
C LEU D 79 -5.08 -3.26 25.37
N LEU D 80 -4.71 -3.62 24.14
CA LEU D 80 -5.17 -2.89 22.96
C LEU D 80 -6.19 -3.68 22.14
N GLY D 81 -6.15 -5.01 22.18
CA GLY D 81 -7.07 -5.83 21.35
C GLY D 81 -6.69 -7.31 21.52
N VAL D 82 -7.52 -8.20 20.99
CA VAL D 82 -7.27 -9.64 20.96
C VAL D 82 -7.60 -10.24 19.56
N CYS D 83 -7.12 -11.45 19.26
CA CYS D 83 -7.61 -12.19 18.06
C CYS D 83 -7.85 -13.57 18.59
N THR D 84 -9.09 -13.86 18.98
CA THR D 84 -9.37 -15.12 19.67
C THR D 84 -10.54 -15.85 18.96
N ARG D 85 -10.82 -15.41 17.72
CA ARG D 85 -11.81 -16.04 16.84
C ARG D 85 -11.35 -17.39 16.32
N GLU D 86 -10.23 -17.37 15.57
CA GLU D 86 -9.59 -18.58 15.03
C GLU D 86 -8.13 -18.61 15.45
N PRO D 87 -7.50 -19.82 15.50
CA PRO D 87 -6.04 -19.84 15.78
C PRO D 87 -5.19 -19.17 14.64
N PRO D 88 -3.95 -18.69 14.95
CA PRO D 88 -3.27 -18.60 16.25
C PRO D 88 -3.81 -17.41 17.09
N PHE D 89 -4.10 -17.62 18.37
CA PHE D 89 -4.67 -16.57 19.24
C PHE D 89 -3.62 -15.48 19.55
N TYR D 90 -4.07 -14.22 19.53
CA TYR D 90 -3.23 -13.06 19.94
C TYR D 90 -3.85 -12.36 21.14
N ILE D 91 -2.99 -11.89 22.05
CA ILE D 91 -3.35 -10.81 23.00
C ILE D 91 -2.36 -9.66 22.74
N ILE D 92 -2.86 -8.47 22.44
CA ILE D 92 -2.01 -7.35 21.98
C ILE D 92 -2.02 -6.24 23.07
N THR D 93 -0.85 -5.78 23.54
CA THR D 93 -0.80 -4.66 24.49
C THR D 93 0.15 -3.58 23.89
N GLU D 94 0.23 -2.41 24.53
CA GLU D 94 1.27 -1.44 24.20
C GLU D 94 2.67 -2.08 24.40
N PHE D 95 3.65 -1.52 23.70
CA PHE D 95 5.02 -1.86 23.82
C PHE D 95 5.66 -0.74 24.66
N MET D 96 6.44 -1.14 25.67
CA MET D 96 7.03 -0.13 26.60
C MET D 96 8.51 0.05 26.28
N THR D 97 8.88 1.26 25.92
CA THR D 97 10.17 1.55 25.30
C THR D 97 11.38 0.96 25.98
N TYR D 98 11.46 1.07 27.29
CA TYR D 98 12.67 0.66 27.98
C TYR D 98 12.64 -0.75 28.55
N GLY D 99 11.57 -1.53 28.28
CA GLY D 99 11.68 -2.96 28.64
C GLY D 99 11.40 -3.18 30.12
N ASN D 100 11.77 -4.40 30.63
CA ASN D 100 11.40 -4.71 31.98
C ASN D 100 12.24 -3.90 33.02
N LEU D 101 11.63 -3.70 34.15
CA LEU D 101 12.14 -2.83 35.23
C LEU D 101 13.44 -3.39 35.84
N LEU D 102 13.52 -4.72 35.92
CA LEU D 102 14.70 -5.28 36.54
C LEU D 102 15.94 -4.92 35.75
N ASP D 103 15.94 -5.27 34.47
CA ASP D 103 17.09 -4.93 33.63
C ASP D 103 17.27 -3.42 33.51
N TYR D 104 16.18 -2.66 33.50
CA TYR D 104 16.30 -1.19 33.43
C TYR D 104 17.12 -0.66 34.62
N LEU D 105 16.81 -1.14 35.84
CA LEU D 105 17.49 -0.64 37.07
C LEU D 105 18.97 -1.07 37.04
N ARG D 106 19.22 -2.25 36.49
CA ARG D 106 20.62 -2.84 36.55
C ARG D 106 21.46 -2.04 35.57
N GLU D 107 20.85 -1.63 34.46
CA GLU D 107 21.56 -0.97 33.34
C GLU D 107 21.50 0.55 33.29
N CYS D 108 20.78 1.15 34.23
CA CYS D 108 20.48 2.59 34.14
C CYS D 108 21.67 3.53 34.51
N ASN D 109 21.58 4.77 34.06
CA ASN D 109 22.46 5.81 34.55
C ASN D 109 21.89 6.25 35.96
N ARG D 110 22.57 5.93 37.03
CA ARG D 110 22.05 6.25 38.38
C ARG D 110 21.97 7.75 38.73
N GLN D 111 22.73 8.62 38.02
CA GLN D 111 22.51 10.08 38.13
C GLN D 111 21.17 10.51 37.55
N GLU D 112 20.77 9.93 36.44
CA GLU D 112 19.42 10.13 35.94
C GLU D 112 18.34 9.48 36.84
N VAL D 113 18.58 8.23 37.25
CA VAL D 113 17.55 7.46 37.96
C VAL D 113 17.95 7.58 39.41
N SER D 114 17.65 8.73 39.97
CA SER D 114 18.11 9.12 41.32
C SER D 114 17.05 8.65 42.31
N ALA D 115 17.26 8.95 43.59
CA ALA D 115 16.39 8.53 44.67
C ALA D 115 14.96 8.98 44.36
N VAL D 116 14.78 10.22 43.91
CA VAL D 116 13.37 10.65 43.60
C VAL D 116 12.73 9.88 42.45
N VAL D 117 13.52 9.48 41.46
CA VAL D 117 12.96 8.60 40.42
C VAL D 117 12.55 7.21 41.02
N LEU D 118 13.40 6.60 41.83
CA LEU D 118 13.00 5.38 42.52
C LEU D 118 11.69 5.51 43.33
N LEU D 119 11.59 6.60 44.08
CA LEU D 119 10.33 6.95 44.78
C LEU D 119 9.14 6.97 43.78
N TYR D 120 9.30 7.68 42.67
CA TYR D 120 8.23 7.78 41.68
C TYR D 120 7.81 6.41 41.16
N MET D 121 8.80 5.52 40.85
CA MET D 121 8.50 4.21 40.36
C MET D 121 7.72 3.39 41.38
N ALA D 122 8.14 3.44 42.63
CA ALA D 122 7.47 2.73 43.69
C ALA D 122 6.05 3.22 43.86
N THR D 123 5.85 4.51 43.73
CA THR D 123 4.52 5.11 43.94
C THR D 123 3.59 4.61 42.82
N GLN D 124 4.11 4.62 41.60
CA GLN D 124 3.31 4.14 40.46
C GLN D 124 2.88 2.68 40.62
N ILE D 125 3.81 1.83 41.05
CA ILE D 125 3.48 0.44 41.27
C ILE D 125 2.42 0.26 42.34
N SER D 126 2.53 1.00 43.44
CA SER D 126 1.61 0.84 44.52
C SER D 126 0.24 1.37 44.08
N SER D 127 0.20 2.38 43.20
CA SER D 127 -1.08 2.83 42.63
C SER D 127 -1.79 1.73 41.82
N ALA D 128 -1.04 0.97 41.02
CA ALA D 128 -1.57 -0.14 40.19
C ALA D 128 -2.08 -1.22 41.12
N MET D 129 -1.33 -1.44 42.21
CA MET D 129 -1.77 -2.49 43.17
C MET D 129 -2.98 -2.05 44.04
N GLU D 130 -3.02 -0.79 44.39
CA GLU D 130 -4.19 -0.24 45.09
C GLU D 130 -5.50 -0.48 44.24
N TYR D 131 -5.38 -0.21 42.97
CA TYR D 131 -6.42 -0.58 41.98
C TYR D 131 -6.79 -2.10 41.95
N LEU D 132 -5.81 -3.03 41.78
CA LEU D 132 -6.12 -4.47 41.83
C LEU D 132 -6.81 -4.82 43.14
N GLU D 133 -6.30 -4.28 44.25
CA GLU D 133 -6.90 -4.52 45.56
C GLU D 133 -8.36 -4.07 45.57
N LYS D 134 -8.62 -2.84 45.13
CA LYS D 134 -10.01 -2.32 45.07
C LYS D 134 -10.90 -3.22 44.22
N LYS D 135 -10.37 -3.71 43.11
CA LYS D 135 -11.11 -4.57 42.20
C LYS D 135 -11.16 -6.04 42.65
N ASN D 136 -10.54 -6.37 43.79
CA ASN D 136 -10.57 -7.76 44.32
C ASN D 136 -9.84 -8.76 43.42
N PHE D 137 -8.80 -8.31 42.71
CA PHE D 137 -7.91 -9.18 41.98
C PHE D 137 -6.64 -9.37 42.85
N ILE D 138 -5.88 -10.40 42.53
CA ILE D 138 -4.55 -10.70 43.15
C ILE D 138 -3.61 -10.82 41.99
N HIS D 139 -2.38 -10.37 42.19
CA HIS D 139 -1.47 -10.43 41.09
C HIS D 139 -0.88 -11.84 41.06
N ARG D 140 -0.31 -12.24 42.20
CA ARG D 140 0.35 -13.56 42.44
C ARG D 140 1.81 -13.67 42.11
N ASP D 141 2.34 -12.72 41.34
CA ASP D 141 3.74 -12.82 41.00
C ASP D 141 4.37 -11.44 40.82
N LEU D 142 4.21 -10.58 41.82
CA LEU D 142 4.69 -9.22 41.69
C LEU D 142 6.20 -9.19 41.94
N ALA D 143 6.97 -8.49 41.07
CA ALA D 143 8.46 -8.51 41.14
C ALA D 143 8.90 -7.56 40.04
N ALA D 144 10.13 -7.09 40.10
CA ALA D 144 10.53 -6.04 39.13
C ALA D 144 10.59 -6.65 37.73
N ARG D 145 10.78 -7.96 37.63
CA ARG D 145 10.87 -8.63 36.32
C ARG D 145 9.49 -8.66 35.59
N ASN D 146 8.42 -8.39 36.33
CA ASN D 146 7.04 -8.30 35.76
C ASN D 146 6.59 -6.87 35.64
N CYS D 147 7.51 -5.88 35.73
CA CYS D 147 7.14 -4.44 35.48
C CYS D 147 7.87 -3.95 34.25
N LEU D 148 7.31 -2.91 33.61
CA LEU D 148 7.83 -2.34 32.40
C LEU D 148 8.03 -0.84 32.55
N VAL D 149 8.93 -0.30 31.71
CA VAL D 149 9.34 1.08 31.83
C VAL D 149 9.17 1.74 30.52
N GLY D 150 8.48 2.86 30.54
CA GLY D 150 8.32 3.70 29.32
C GLY D 150 9.05 5.03 29.45
N GLU D 151 8.70 5.98 28.58
CA GLU D 151 9.36 7.27 28.63
C GLU D 151 9.05 8.01 29.91
N ASN D 152 9.96 8.90 30.29
CA ASN D 152 9.80 9.72 31.50
C ASN D 152 9.56 8.87 32.73
N HIS D 153 10.21 7.72 32.83
CA HIS D 153 10.10 6.86 33.99
C HIS D 153 8.68 6.45 34.33
N LEU D 154 7.84 6.31 33.30
CA LEU D 154 6.52 5.73 33.47
C LEU D 154 6.77 4.23 33.77
N VAL D 155 6.10 3.72 34.78
CA VAL D 155 6.23 2.32 35.10
C VAL D 155 4.86 1.65 35.08
N LYS D 156 4.80 0.44 34.50
CA LYS D 156 3.57 -0.30 34.50
C LYS D 156 3.80 -1.68 35.05
N VAL D 157 2.80 -2.17 35.78
CA VAL D 157 2.81 -3.56 36.34
C VAL D 157 2.21 -4.46 35.25
N ALA D 158 2.82 -5.61 35.04
CA ALA D 158 2.37 -6.56 34.07
C ALA D 158 2.39 -7.96 34.74
N ASP D 159 2.07 -9.01 33.96
CA ASP D 159 2.22 -10.42 34.43
C ASP D 159 2.55 -11.23 33.21
N PHE D 160 3.82 -11.56 33.07
CA PHE D 160 4.29 -12.23 31.85
C PHE D 160 4.21 -13.78 31.92
N GLY D 161 3.65 -14.29 33.02
CA GLY D 161 3.55 -15.75 33.24
C GLY D 161 4.94 -16.40 33.16
N LEU D 162 5.88 -15.84 33.88
CA LEU D 162 7.27 -16.21 33.77
C LEU D 162 7.55 -17.56 34.48
N SER D 163 6.64 -18.02 35.32
CA SER D 163 6.74 -19.40 35.96
C SER D 163 7.05 -20.52 34.95
N ARG D 164 6.36 -20.49 33.81
CA ARG D 164 6.68 -21.42 32.70
C ARG D 164 8.09 -21.24 32.05
N LEU D 165 8.40 -20.03 31.64
CA LEU D 165 9.63 -19.70 30.90
C LEU D 165 10.99 -19.91 31.62
N MET D 166 11.17 -19.32 32.81
CA MET D 166 12.52 -19.22 33.42
C MET D 166 13.13 -20.53 33.95
N GLY D 168 16.10 -21.91 35.36
CA GLY D 168 16.46 -20.75 36.26
C GLY D 168 16.31 -20.91 37.78
N ASP D 169 17.04 -20.11 38.59
CA ASP D 169 16.95 -20.23 40.08
C ASP D 169 15.94 -19.22 40.65
N THR D 170 15.34 -18.43 39.77
CA THR D 170 14.29 -17.52 40.20
C THR D 170 13.02 -18.29 40.66
N TYR D 171 12.56 -19.26 39.87
CA TYR D 171 11.36 -20.02 40.23
C TYR D 171 11.81 -21.39 40.60
N THR D 172 11.32 -21.96 41.68
CA THR D 172 11.72 -23.32 41.98
C THR D 172 10.47 -24.23 42.09
N ALA D 173 10.56 -25.39 41.45
CA ALA D 173 9.41 -26.31 41.38
C ALA D 173 9.29 -26.95 42.75
N HIS D 174 8.05 -27.07 43.20
CA HIS D 174 7.75 -27.91 44.34
C HIS D 174 6.43 -28.65 44.20
N ALA D 175 6.49 -29.98 44.24
CA ALA D 175 5.30 -30.83 44.01
C ALA D 175 4.19 -30.32 43.02
N GLY D 176 4.58 -30.06 41.78
CA GLY D 176 3.61 -29.72 40.72
C GLY D 176 3.38 -28.23 40.61
N ALA D 177 4.03 -27.43 41.44
CA ALA D 177 3.84 -25.99 41.43
C ALA D 177 5.23 -25.31 41.27
N LYS D 178 5.29 -24.07 40.82
CA LYS D 178 6.57 -23.36 40.77
C LYS D 178 6.43 -22.05 41.56
N PHE D 179 7.38 -21.71 42.43
CA PHE D 179 7.23 -20.45 43.20
C PHE D 179 8.52 -19.72 43.10
N PRO D 180 8.44 -18.37 42.98
CA PRO D 180 9.63 -17.57 43.16
C PRO D 180 9.85 -17.39 44.67
N ILE D 181 10.61 -18.31 45.26
CA ILE D 181 10.65 -18.44 46.72
C ILE D 181 10.97 -17.13 47.44
N LYS D 182 11.93 -16.38 46.90
CA LYS D 182 12.41 -15.18 47.57
C LYS D 182 11.42 -14.03 47.47
N TRP D 183 10.37 -14.17 46.67
CA TRP D 183 9.27 -13.14 46.64
C TRP D 183 7.98 -13.62 47.33
N THR D 184 7.98 -14.84 47.83
CA THR D 184 6.68 -15.48 48.19
C THR D 184 6.46 -15.42 49.71
N ALA D 185 5.29 -14.94 50.10
CA ALA D 185 4.95 -14.75 51.50
C ALA D 185 4.96 -16.12 52.23
N PRO D 186 5.26 -16.11 53.51
CA PRO D 186 5.39 -17.35 54.27
C PRO D 186 4.15 -18.23 54.15
N GLU D 187 2.97 -17.63 54.25
CA GLU D 187 1.74 -18.44 54.22
C GLU D 187 1.44 -19.01 52.82
N SER D 188 1.98 -18.39 51.78
CA SER D 188 1.84 -18.89 50.42
C SER D 188 2.80 -20.07 50.24
N LEU D 189 3.99 -19.97 50.81
CA LEU D 189 4.92 -21.11 50.81
C LEU D 189 4.40 -22.32 51.61
N ALA D 190 3.90 -22.10 52.82
CA ALA D 190 3.41 -23.16 53.69
C ALA D 190 2.05 -23.76 53.35
N TYR D 191 1.15 -22.96 52.81
CA TYR D 191 -0.30 -23.35 52.70
C TYR D 191 -0.79 -23.14 51.28
N ASN D 192 0.13 -22.74 50.42
CA ASN D 192 -0.19 -22.23 49.10
C ASN D 192 -1.42 -21.30 49.13
N LYS D 193 -1.55 -20.52 50.22
CA LYS D 193 -2.57 -19.44 50.30
C LYS D 193 -2.04 -18.14 49.66
N PHE D 194 -2.72 -17.68 48.60
CA PHE D 194 -2.37 -16.40 47.95
C PHE D 194 -3.51 -15.40 48.13
N SER D 195 -3.18 -14.14 48.38
CA SER D 195 -4.19 -13.13 48.66
C SER D 195 -3.58 -11.79 48.28
N ILE D 196 -4.36 -10.72 48.46
CA ILE D 196 -3.81 -9.38 48.26
C ILE D 196 -2.68 -9.17 49.30
N LYS D 197 -2.76 -9.83 50.46
CA LYS D 197 -1.68 -9.69 51.49
C LYS D 197 -0.39 -10.38 51.12
N SER D 198 -0.47 -11.46 50.34
CA SER D 198 0.77 -12.04 49.84
C SER D 198 1.30 -11.21 48.66
N ASP D 199 0.44 -10.50 47.95
CA ASP D 199 0.97 -9.47 47.01
C ASP D 199 1.68 -8.33 47.73
N VAL D 200 1.18 -7.96 48.92
CA VAL D 200 1.86 -6.92 49.69
C VAL D 200 3.27 -7.33 50.15
N TRP D 201 3.42 -8.57 50.61
CA TRP D 201 4.74 -9.12 50.94
C TRP D 201 5.69 -9.04 49.72
N ALA D 202 5.24 -9.56 48.55
CA ALA D 202 6.00 -9.46 47.30
C ALA D 202 6.33 -8.03 46.93
N PHE D 203 5.40 -7.13 47.18
CA PHE D 203 5.69 -5.69 46.94
C PHE D 203 6.84 -5.17 47.81
N GLY D 204 6.91 -5.63 49.04
CA GLY D 204 8.07 -5.30 49.89
C GLY D 204 9.41 -5.77 49.28
N VAL D 205 9.42 -6.97 48.71
CA VAL D 205 10.63 -7.48 48.05
C VAL D 205 10.93 -6.60 46.81
N LEU D 206 9.90 -6.34 46.00
CA LEU D 206 10.05 -5.42 44.85
C LEU D 206 10.61 -4.03 45.26
N LEU D 207 10.15 -3.43 46.37
CA LEU D 207 10.73 -2.17 46.92
C LEU D 207 12.20 -2.31 47.22
N TRP D 208 12.57 -3.50 47.73
CA TRP D 208 14.01 -3.68 48.01
C TRP D 208 14.78 -3.82 46.69
N GLU D 209 14.17 -4.46 45.71
CA GLU D 209 14.82 -4.55 44.36
C GLU D 209 15.02 -3.15 43.79
N ILE D 210 13.99 -2.28 43.90
CA ILE D 210 14.14 -0.89 43.42
C ILE D 210 15.28 -0.14 44.17
N ALA D 211 15.24 -0.24 45.50
CA ALA D 211 16.22 0.44 46.37
C ALA D 211 17.67 0.01 46.08
N THR D 212 17.86 -1.20 45.57
CA THR D 212 19.20 -1.78 45.29
C THR D 212 19.55 -1.72 43.83
N TYR D 213 18.75 -1.03 43.03
CA TYR D 213 18.95 -1.04 41.60
C TYR D 213 19.03 -2.43 41.01
N GLY D 214 18.15 -3.32 41.51
CA GLY D 214 17.90 -4.55 40.84
C GLY D 214 18.86 -5.65 41.37
N MET D 215 19.32 -5.58 42.63
CA MET D 215 20.01 -6.75 43.20
C MET D 215 19.05 -7.90 43.40
N SER D 216 19.57 -9.12 43.38
CA SER D 216 18.76 -10.34 43.71
C SER D 216 18.57 -10.35 45.20
N PRO D 217 17.33 -10.61 45.64
CA PRO D 217 17.02 -10.56 47.06
C PRO D 217 17.66 -11.73 47.82
N TYR D 218 17.83 -11.56 49.12
CA TYR D 218 18.57 -12.51 50.02
C TYR D 218 19.86 -12.97 49.35
N PRO D 219 20.75 -12.02 48.92
CA PRO D 219 21.86 -12.49 48.05
C PRO D 219 22.75 -13.42 48.85
N GLY D 220 23.00 -14.60 48.29
CA GLY D 220 24.01 -15.55 48.87
C GLY D 220 23.30 -16.57 49.76
N ILE D 221 22.01 -16.30 50.08
CA ILE D 221 21.24 -17.17 50.99
C ILE D 221 20.68 -18.32 50.23
N ASP D 222 20.88 -19.56 50.69
CA ASP D 222 20.28 -20.72 50.03
C ASP D 222 18.76 -20.76 50.13
N LEU D 223 18.13 -21.14 49.02
CA LEU D 223 16.65 -21.19 48.92
C LEU D 223 16.07 -22.08 50.00
N SER D 224 16.80 -23.13 50.33
CA SER D 224 16.37 -24.06 51.40
C SER D 224 16.22 -23.36 52.76
N GLN D 225 16.93 -22.23 52.98
CA GLN D 225 16.90 -21.59 54.33
C GLN D 225 15.91 -20.41 54.47
N VAL D 226 15.35 -19.99 53.35
CA VAL D 226 14.57 -18.75 53.34
C VAL D 226 13.38 -18.82 54.31
N TYR D 227 12.53 -19.83 54.17
CA TYR D 227 11.40 -19.89 55.05
C TYR D 227 11.79 -19.93 56.52
N GLU D 228 12.73 -20.82 56.82
CA GLU D 228 13.23 -21.05 58.17
C GLU D 228 13.76 -19.73 58.79
N LEU D 229 14.57 -19.02 58.01
CA LEU D 229 15.12 -17.73 58.40
C LEU D 229 13.99 -16.74 58.68
N LEU D 230 13.00 -16.69 57.76
CA LEU D 230 11.87 -15.78 57.94
C LEU D 230 11.05 -16.07 59.22
N GLU D 231 10.75 -17.34 59.43
CA GLU D 231 10.06 -17.80 60.63
C GLU D 231 10.84 -17.43 61.91
N LYS D 232 12.17 -17.40 61.84
CA LYS D 232 12.98 -17.00 62.94
C LYS D 232 13.27 -15.50 62.91
N ASP D 233 12.42 -14.72 62.22
CA ASP D 233 12.45 -13.28 62.20
C ASP D 233 13.59 -12.61 61.43
N TYR D 234 14.31 -13.37 60.61
CA TYR D 234 15.28 -12.73 59.75
C TYR D 234 14.53 -11.92 58.72
N ARG D 235 15.03 -10.73 58.41
CA ARG D 235 14.55 -9.95 57.26
C ARG D 235 15.72 -9.27 56.57
N MET D 236 15.62 -9.02 55.26
CA MET D 236 16.69 -8.18 54.61
C MET D 236 16.98 -6.86 55.30
N GLU D 237 18.26 -6.51 55.34
CA GLU D 237 18.64 -5.28 56.03
C GLU D 237 18.42 -4.09 55.09
N ARG D 238 18.42 -2.90 55.65
CA ARG D 238 18.18 -1.69 54.86
C ARG D 238 19.24 -1.47 53.79
N PRO D 239 18.82 -1.31 52.52
CA PRO D 239 19.83 -1.08 51.45
C PRO D 239 20.58 0.25 51.64
N GLU D 240 21.78 0.32 51.11
CA GLU D 240 22.54 1.54 51.25
C GLU D 240 21.81 2.70 50.57
N GLY D 241 21.80 3.85 51.23
CA GLY D 241 21.05 4.99 50.79
C GLY D 241 19.52 4.91 50.79
N CYS D 242 18.91 3.80 51.26
CA CYS D 242 17.43 3.71 51.23
C CYS D 242 16.96 4.50 52.43
N PRO D 243 16.00 5.40 52.22
CA PRO D 243 15.50 6.25 53.31
C PRO D 243 14.87 5.37 54.41
N GLU D 244 14.99 5.78 55.66
CA GLU D 244 14.43 4.94 56.78
C GLU D 244 12.91 4.69 56.69
N LYS D 245 12.16 5.71 56.28
CA LYS D 245 10.68 5.57 56.17
C LYS D 245 10.31 4.58 55.06
N VAL D 246 11.11 4.54 54.00
CA VAL D 246 10.93 3.52 52.92
C VAL D 246 11.24 2.13 53.44
N TYR D 247 12.34 1.99 54.19
CA TYR D 247 12.66 0.66 54.79
C TYR D 247 11.61 0.25 55.83
N GLU D 248 11.11 1.22 56.62
CA GLU D 248 9.97 0.91 57.55
C GLU D 248 8.75 0.38 56.82
N LEU D 249 8.40 0.96 55.67
CA LEU D 249 7.34 0.42 54.84
C LEU D 249 7.67 -0.98 54.36
N MET D 250 8.91 -1.20 53.92
CA MET D 250 9.30 -2.55 53.49
C MET D 250 9.06 -3.58 54.59
N ARG D 251 9.52 -3.25 55.80
CA ARG D 251 9.39 -4.09 56.95
C ARG D 251 7.92 -4.40 57.30
N ALA D 252 7.01 -3.43 57.07
CA ALA D 252 5.61 -3.61 57.40
C ALA D 252 5.03 -4.61 56.39
N CYS D 253 5.55 -4.53 55.16
CA CYS D 253 5.09 -5.48 54.10
C CYS D 253 5.48 -6.92 54.50
N TRP D 254 6.56 -7.04 55.23
CA TRP D 254 7.05 -8.37 55.66
C TRP D 254 6.65 -8.81 57.03
N GLN D 255 5.53 -8.28 57.55
CA GLN D 255 4.99 -8.83 58.78
C GLN D 255 4.67 -10.29 58.56
N TRP D 256 5.01 -11.11 59.54
CA TRP D 256 4.70 -12.55 59.44
C TRP D 256 3.19 -12.86 59.21
N ASN D 257 2.33 -12.22 60.01
CA ASN D 257 0.86 -12.40 59.92
C ASN D 257 0.32 -11.53 58.78
N PRO D 258 -0.36 -12.11 57.78
CA PRO D 258 -0.80 -11.26 56.65
C PRO D 258 -1.76 -10.17 57.07
N SER D 259 -2.59 -10.41 58.11
CA SER D 259 -3.53 -9.38 58.55
C SER D 259 -2.83 -8.15 59.20
N ASP D 260 -1.58 -8.27 59.62
CA ASP D 260 -0.76 -7.13 60.12
C ASP D 260 -0.05 -6.28 59.03
N ARG D 261 -0.06 -6.77 57.77
CA ARG D 261 0.54 -6.00 56.71
C ARG D 261 -0.41 -4.85 56.35
N PRO D 262 0.15 -3.74 55.83
CA PRO D 262 -0.66 -2.66 55.33
C PRO D 262 -1.44 -3.04 54.07
N SER D 263 -2.55 -2.37 53.82
CA SER D 263 -3.19 -2.45 52.50
C SER D 263 -2.41 -1.61 51.47
N PHE D 264 -2.62 -1.88 50.18
CA PHE D 264 -2.00 -1.07 49.14
C PHE D 264 -2.53 0.37 49.15
N ALA D 265 -3.80 0.55 49.53
CA ALA D 265 -4.32 1.91 49.76
C ALA D 265 -3.42 2.68 50.77
N GLU D 266 -3.12 2.05 51.88
CA GLU D 266 -2.22 2.61 52.91
C GLU D 266 -0.76 2.82 52.42
N ILE D 267 -0.27 1.85 51.66
CA ILE D 267 1.11 1.95 51.15
C ILE D 267 1.19 3.14 50.17
N HIS D 268 0.22 3.20 49.26
CA HIS D 268 0.18 4.24 48.25
C HIS D 268 0.04 5.64 48.90
N GLN D 269 -0.86 5.74 49.88
CA GLN D 269 -1.00 6.98 50.66
C GLN D 269 0.36 7.39 51.19
N ALA D 270 1.10 6.46 51.80
CA ALA D 270 2.41 6.76 52.39
C ALA D 270 3.43 7.24 51.35
N PHE D 271 3.52 6.56 50.19
CA PHE D 271 4.41 7.04 49.12
C PHE D 271 3.96 8.38 48.53
N GLU D 272 2.63 8.51 48.30
CA GLU D 272 2.01 9.73 47.77
C GLU D 272 2.45 10.86 48.65
N THR D 273 2.42 10.62 49.94
CA THR D 273 2.82 11.62 50.92
C THR D 273 4.24 12.01 50.65
N MET D 274 5.16 11.07 50.82
CA MET D 274 6.57 11.28 50.53
C MET D 274 6.77 11.94 49.15
N PHE D 275 6.12 11.42 48.09
CA PHE D 275 6.36 11.88 46.69
C PHE D 275 6.01 13.36 46.49
N GLN D 276 4.88 13.77 47.09
CA GLN D 276 4.38 15.17 47.07
C GLN D 276 5.20 16.19 47.88
#